data_6LLG
#
_entry.id   6LLG
#
_cell.length_a   98.745
_cell.length_b   144.247
_cell.length_c   69.890
_cell.angle_alpha   90.000
_cell.angle_beta   90.000
_cell.angle_gamma   90.000
#
_symmetry.space_group_name_H-M   'P 21 21 2'
#
loop_
_entity.id
_entity.type
_entity.pdbx_description
1 polymer 'UDP-glycosyltransferase 708C1'
2 non-polymer 'SULFATE ION'
3 non-polymer BENZAMIDINE
4 water water
#
_entity_poly.entity_id   1
_entity_poly.type   'polypeptide(L)'
_entity_poly.pdbx_seq_one_letter_code
;MMGDLTTSFPATTLTTNDQPHVVVCSGAGMGHLTPFLNLASALSSAPYNCKVTLLIVIPLITDAESHHISSFFSSHPTIH
RLDFHVNLPAPKPNVDPFFLRYKSISDSAHRLPVHLSALSPPISAVFSDFLFTQGLNTTLPHLPNYTFTTTSARFFTLMS
YVPHLAKSSSSSPVEIPGLEPFPTDNIPPPFFNPEHIFTSFTISNAKYFSLSKGILVNTFDSFEPETLSALNSGDTLSDL
PPVIPIGPLNELEHNKQEELLPWLDQQPEKSVLYVSFGNRTAMSSDQILELGMGLERSDCRFIWVVKTSKIDKDDKSELR
KLFGEELYLKLSEKGKLVKWVNQTEILGHTAVGGFLSHCGWNSVMEAARRGVPILAWPQHGDQRENAWVVEKAGLGVWER
EWASGIQAAIVEKVKMIMGNNDLRKSAMKVGEEAKRACDVGGSSATALMNIIGSLKR
;
_entity_poly.pdbx_strand_id   A,B
#
# COMPACT_ATOMS: atom_id res chain seq x y z
N ASP A 18 11.99 31.86 5.43
CA ASP A 18 12.91 30.75 5.27
C ASP A 18 12.85 29.70 6.40
N GLN A 19 13.12 28.43 6.07
CA GLN A 19 12.83 27.30 6.92
C GLN A 19 13.80 26.12 6.89
N PRO A 20 14.06 25.56 8.14
CA PRO A 20 15.05 24.49 8.11
C PRO A 20 14.62 23.18 7.54
N HIS A 21 15.59 22.48 7.02
CA HIS A 21 15.42 21.13 6.51
C HIS A 21 16.00 20.17 7.54
N VAL A 22 15.15 19.32 8.12
CA VAL A 22 15.58 18.37 9.13
C VAL A 22 15.27 16.95 8.65
N VAL A 23 16.03 16.00 9.16
CA VAL A 23 15.85 14.59 8.82
C VAL A 23 15.37 13.88 10.07
N VAL A 24 14.30 13.09 9.92
CA VAL A 24 13.85 12.20 10.97
C VAL A 24 14.27 10.79 10.59
N CYS A 25 15.11 10.17 11.43
CA CYS A 25 15.78 8.91 11.11
C CYS A 25 15.15 7.77 11.91
N SER A 26 14.19 7.08 11.30
CA SER A 26 13.43 6.05 11.98
C SER A 26 14.11 4.69 11.82
N GLY A 27 13.71 3.76 12.69
CA GLY A 27 14.38 2.47 12.76
C GLY A 27 13.55 1.30 12.24
N ALA A 28 13.12 0.45 13.13
CA ALA A 28 12.28 -0.66 12.79
C ALA A 28 11.37 -1.02 13.93
N GLY A 29 10.21 -1.55 13.60
CA GLY A 29 9.26 -2.01 14.56
C GLY A 29 8.22 -0.96 14.81
N MET A 30 6.99 -1.38 14.89
CA MET A 30 5.89 -0.46 14.94
C MET A 30 5.92 0.45 16.16
N GLY A 31 6.33 -0.07 17.28
CA GLY A 31 6.46 0.70 18.49
C GLY A 31 7.46 1.83 18.41
N HIS A 32 8.43 1.68 17.55
CA HIS A 32 9.37 2.69 17.29
C HIS A 32 9.05 3.53 16.10
N LEU A 33 8.38 3.00 15.12
CA LEU A 33 8.05 3.80 13.95
C LEU A 33 7.00 4.86 14.29
N THR A 34 5.97 4.48 15.06
CA THR A 34 4.84 5.37 15.37
C THR A 34 5.28 6.72 15.93
N PRO A 35 6.08 6.79 17.01
CA PRO A 35 6.46 8.12 17.51
C PRO A 35 7.32 8.90 16.53
N PHE A 36 8.13 8.22 15.72
CA PHE A 36 8.93 8.93 14.72
C PHE A 36 8.07 9.53 13.62
N LEU A 37 7.05 8.80 13.19
CA LEU A 37 6.09 9.36 12.26
C LEU A 37 5.36 10.55 12.87
N ASN A 38 4.95 10.43 14.14
CA ASN A 38 4.32 11.56 14.82
C ASN A 38 5.24 12.77 14.84
N LEU A 39 6.54 12.56 15.12
CA LEU A 39 7.48 13.69 15.15
C LEU A 39 7.63 14.34 13.79
N ALA A 40 7.84 13.54 12.75
CA ALA A 40 7.98 14.08 11.40
C ALA A 40 6.75 14.89 11.01
N SER A 41 5.56 14.37 11.33
CA SER A 41 4.32 15.07 11.03
C SER A 41 4.26 16.40 11.78
N ALA A 42 4.59 16.40 13.06
CA ALA A 42 4.55 17.64 13.83
C ALA A 42 5.54 18.67 13.28
N LEU A 43 6.78 18.24 13.00
CA LEU A 43 7.83 19.16 12.54
C LEU A 43 7.51 19.71 11.16
N SER A 44 6.80 18.95 10.33
CA SER A 44 6.47 19.45 8.99
C SER A 44 5.34 20.46 9.00
N SER A 45 4.74 20.69 10.14
CA SER A 45 3.54 21.47 10.28
C SER A 45 3.70 22.62 11.20
N ALA A 46 2.80 23.58 11.08
CA ALA A 46 2.81 24.72 11.95
C ALA A 46 2.55 24.19 13.31
N PRO A 47 3.19 24.71 14.44
CA PRO A 47 3.99 25.93 14.23
C PRO A 47 5.46 25.79 13.91
N TYR A 48 5.95 24.62 13.60
CA TYR A 48 7.38 24.38 13.38
C TYR A 48 7.80 24.68 11.94
N ASN A 49 6.97 24.30 10.98
CA ASN A 49 7.14 24.72 9.59
C ASN A 49 8.52 24.37 9.04
N CYS A 50 9.00 23.16 9.34
CA CYS A 50 10.23 22.67 8.76
C CYS A 50 9.95 21.95 7.45
N LYS A 51 10.99 21.86 6.62
CA LYS A 51 11.02 20.84 5.58
C LYS A 51 11.55 19.56 6.22
N VAL A 52 10.79 18.47 6.09
CA VAL A 52 11.11 17.20 6.74
C VAL A 52 11.40 16.15 5.69
N THR A 53 12.53 15.47 5.83
CA THR A 53 12.81 14.23 5.12
C THR A 53 12.74 13.11 6.15
N LEU A 54 11.88 12.12 5.90
CA LEU A 54 11.72 10.99 6.79
C LEU A 54 12.49 9.80 6.22
N LEU A 55 13.49 9.34 6.95
CA LEU A 55 14.28 8.20 6.53
C LEU A 55 13.61 6.92 7.02
N ILE A 56 13.42 5.96 6.12
CA ILE A 56 12.88 4.64 6.40
C ILE A 56 13.95 3.61 6.10
N VAL A 57 14.11 2.64 7.02
CA VAL A 57 15.03 1.53 6.79
C VAL A 57 14.27 0.43 6.04
N ILE A 58 14.75 0.05 4.87
CA ILE A 58 14.12 -1.03 4.10
C ILE A 58 15.15 -2.15 3.91
N PRO A 59 14.68 -3.40 3.68
CA PRO A 59 13.27 -3.82 3.71
C PRO A 59 12.65 -3.70 5.09
N LEU A 60 11.33 -3.62 5.13
CA LEU A 60 10.65 -3.66 6.41
C LEU A 60 10.38 -5.10 6.82
N ILE A 61 10.24 -5.31 8.13
CA ILE A 61 10.17 -6.66 8.66
C ILE A 61 8.76 -7.22 8.54
N THR A 62 7.75 -6.39 8.77
CA THR A 62 6.38 -6.85 8.82
C THR A 62 5.55 -6.09 7.82
N ASP A 63 4.48 -6.74 7.36
CA ASP A 63 3.54 -6.09 6.46
C ASP A 63 2.82 -4.95 7.16
N ALA A 64 2.59 -5.09 8.47
CA ALA A 64 1.97 -4.01 9.23
C ALA A 64 2.80 -2.73 9.14
N GLU A 65 4.11 -2.84 9.34
CA GLU A 65 4.98 -1.66 9.19
C GLU A 65 4.83 -1.04 7.81
N SER A 66 4.94 -1.86 6.77
CA SER A 66 4.91 -1.35 5.41
C SER A 66 3.60 -0.62 5.12
N HIS A 67 2.47 -1.16 5.59
CA HIS A 67 1.20 -0.51 5.33
C HIS A 67 1.09 0.82 6.05
N HIS A 68 1.54 0.90 7.30
CA HIS A 68 1.44 2.15 8.04
C HIS A 68 2.36 3.22 7.45
N ILE A 69 3.54 2.82 6.98
CA ILE A 69 4.42 3.80 6.34
C ILE A 69 3.77 4.32 5.07
N SER A 70 3.19 3.43 4.27
CA SER A 70 2.53 3.84 3.04
C SER A 70 1.37 4.80 3.33
N SER A 71 0.55 4.47 4.32
CA SER A 71 -0.57 5.35 4.66
C SER A 71 -0.07 6.70 5.17
N PHE A 72 1.01 6.69 5.95
CA PHE A 72 1.56 7.95 6.44
C PHE A 72 1.94 8.87 5.29
N PHE A 73 2.74 8.38 4.35
CA PHE A 73 3.19 9.24 3.27
C PHE A 73 2.04 9.65 2.36
N SER A 74 1.06 8.76 2.15
CA SER A 74 -0.11 9.12 1.34
C SER A 74 -0.91 10.24 1.98
N SER A 75 -0.90 10.34 3.32
CA SER A 75 -1.64 11.39 4.00
C SER A 75 -0.77 12.59 4.43
N HIS A 76 0.55 12.51 4.23
CA HIS A 76 1.44 13.66 4.44
C HIS A 76 2.30 13.83 3.20
N PRO A 77 1.70 14.24 2.09
CA PRO A 77 2.45 14.32 0.83
C PRO A 77 3.59 15.32 0.85
N THR A 78 3.60 16.24 1.81
CA THR A 78 4.62 17.28 1.89
C THR A 78 5.94 16.79 2.50
N ILE A 79 5.96 15.61 3.10
CA ILE A 79 7.16 15.08 3.75
C ILE A 79 7.87 14.18 2.75
N HIS A 80 9.18 14.34 2.64
CA HIS A 80 9.96 13.62 1.65
C HIS A 80 10.42 12.29 2.25
N ARG A 81 10.37 11.24 1.43
CA ARG A 81 10.75 9.91 1.89
C ARG A 81 12.17 9.62 1.43
N LEU A 82 13.01 9.17 2.36
CA LEU A 82 14.36 8.73 2.03
C LEU A 82 14.48 7.26 2.44
N ASP A 83 14.63 6.38 1.44
CA ASP A 83 14.81 4.95 1.70
C ASP A 83 16.29 4.66 1.96
N PHE A 84 16.57 4.04 3.10
CA PHE A 84 17.92 3.62 3.48
C PHE A 84 17.97 2.09 3.50
N HIS A 85 18.58 1.49 2.49
CA HIS A 85 18.53 0.03 2.38
C HIS A 85 19.60 -0.61 3.26
N VAL A 86 19.16 -1.52 4.12
CA VAL A 86 20.05 -2.31 4.95
C VAL A 86 19.66 -3.76 4.75
N ASN A 87 20.60 -4.56 4.23
CA ASN A 87 20.34 -5.96 3.97
C ASN A 87 19.79 -6.66 5.20
N LEU A 88 18.82 -7.53 5.00
CA LEU A 88 18.25 -8.29 6.10
C LEU A 88 19.28 -9.32 6.57
N PRO A 89 19.54 -9.42 7.87
CA PRO A 89 20.43 -10.47 8.36
C PRO A 89 19.73 -11.81 8.25
N ALA A 90 20.51 -12.88 8.05
CA ALA A 90 19.91 -14.20 8.04
C ALA A 90 19.39 -14.57 9.42
N PRO A 91 18.23 -15.19 9.51
CA PRO A 91 17.74 -15.61 10.83
C PRO A 91 18.65 -16.67 11.42
N LYS A 92 18.70 -16.70 12.74
CA LYS A 92 19.51 -17.67 13.46
C LYS A 92 18.66 -18.26 14.57
N PRO A 93 18.80 -19.54 14.87
CA PRO A 93 18.00 -20.12 15.95
C PRO A 93 18.28 -19.45 17.29
N ASN A 94 17.21 -19.25 18.05
CA ASN A 94 17.25 -18.71 19.40
C ASN A 94 17.64 -17.24 19.46
N VAL A 95 17.52 -16.52 18.34
CA VAL A 95 17.80 -15.09 18.31
C VAL A 95 16.55 -14.39 17.80
N ASP A 96 16.06 -13.43 18.57
CA ASP A 96 14.82 -12.75 18.21
C ASP A 96 15.00 -11.99 16.89
N PRO A 97 14.10 -12.17 15.93
CA PRO A 97 14.29 -11.53 14.61
C PRO A 97 14.44 -10.03 14.66
N PHE A 98 13.67 -9.37 15.54
CA PHE A 98 13.74 -7.93 15.63
C PHE A 98 15.08 -7.47 16.20
N PHE A 99 15.65 -8.22 17.15
CA PHE A 99 16.97 -7.84 17.66
C PHE A 99 18.02 -7.95 16.57
N LEU A 100 17.95 -9.01 15.75
CA LEU A 100 18.86 -9.16 14.62
C LEU A 100 18.73 -7.98 13.67
N ARG A 101 17.50 -7.55 13.41
CA ARG A 101 17.28 -6.39 12.56
C ARG A 101 17.81 -5.12 13.20
N TYR A 102 17.54 -4.92 14.51
CA TYR A 102 18.08 -3.73 15.20
C TYR A 102 19.61 -3.72 15.10
N LYS A 103 20.23 -4.87 15.28
CA LYS A 103 21.69 -4.96 15.18
C LYS A 103 22.18 -4.58 13.79
N SER A 104 21.53 -5.09 12.74
CA SER A 104 21.93 -4.76 11.38
C SER A 104 21.78 -3.27 11.11
N ILE A 105 20.73 -2.64 11.66
CA ILE A 105 20.57 -1.20 11.49
C ILE A 105 21.67 -0.44 12.25
N SER A 106 21.92 -0.81 13.50
CA SER A 106 22.97 -0.14 14.26
C SER A 106 24.31 -0.25 13.54
N ASP A 107 24.60 -1.42 12.94
CA ASP A 107 25.88 -1.64 12.24
C ASP A 107 25.98 -0.87 10.93
N SER A 108 24.86 -0.45 10.37
CA SER A 108 24.84 0.30 9.12
C SER A 108 24.93 1.81 9.33
N ALA A 109 24.78 2.29 10.57
CA ALA A 109 24.60 3.73 10.79
C ALA A 109 25.77 4.54 10.26
N HIS A 110 26.98 3.97 10.28
CA HIS A 110 28.15 4.67 9.77
C HIS A 110 28.03 5.02 8.29
N ARG A 111 27.08 4.41 7.55
CA ARG A 111 26.91 4.68 6.13
C ARG A 111 26.03 5.87 5.84
N LEU A 112 25.41 6.47 6.86
CA LEU A 112 24.50 7.58 6.63
C LEU A 112 25.13 8.84 6.02
N PRO A 113 26.43 9.17 6.23
CA PRO A 113 26.92 10.46 5.70
C PRO A 113 26.61 10.70 4.23
N VAL A 114 26.93 9.74 3.36
CA VAL A 114 26.72 9.95 1.93
C VAL A 114 25.25 10.22 1.62
N HIS A 115 24.33 9.58 2.37
CA HIS A 115 22.91 9.77 2.10
C HIS A 115 22.39 11.11 2.62
N LEU A 116 22.78 11.51 3.83
CA LEU A 116 22.23 12.74 4.37
C LEU A 116 22.87 13.96 3.73
N SER A 117 24.11 13.82 3.26
CA SER A 117 24.82 14.95 2.66
C SER A 117 24.24 15.31 1.30
N ALA A 118 23.70 14.33 0.58
CA ALA A 118 23.12 14.60 -0.73
C ALA A 118 21.74 15.25 -0.65
N LEU A 119 21.16 15.38 0.53
CA LEU A 119 19.84 16.00 0.63
C LEU A 119 19.94 17.50 0.39
N SER A 120 18.92 18.06 -0.25
CA SER A 120 18.87 19.50 -0.48
C SER A 120 17.51 20.04 -0.06
N PRO A 121 17.48 21.23 0.57
CA PRO A 121 18.65 22.04 0.92
C PRO A 121 19.49 21.38 2.01
N PRO A 122 20.71 21.88 2.27
CA PRO A 122 21.55 21.24 3.29
C PRO A 122 20.85 21.19 4.64
N ILE A 123 20.88 20.02 5.26
CA ILE A 123 20.05 19.77 6.44
C ILE A 123 20.62 20.51 7.64
N SER A 124 19.73 20.92 8.54
CA SER A 124 20.13 21.64 9.74
C SER A 124 20.28 20.76 10.97
N ALA A 125 19.62 19.60 11.00
CA ALA A 125 19.62 18.74 12.17
C ALA A 125 19.03 17.38 11.81
N VAL A 126 19.32 16.40 12.64
CA VAL A 126 18.76 15.06 12.51
C VAL A 126 18.16 14.65 13.86
N PHE A 127 16.98 14.05 13.79
CA PHE A 127 16.28 13.49 14.93
C PHE A 127 16.27 11.98 14.69
N SER A 128 17.00 11.24 15.51
CA SER A 128 17.37 9.88 15.14
C SER A 128 16.97 8.84 16.19
N ASP A 129 16.64 7.64 15.70
CA ASP A 129 16.54 6.49 16.56
C ASP A 129 17.87 6.24 17.24
N PHE A 130 17.82 5.73 18.47
CA PHE A 130 19.04 5.52 19.20
C PHE A 130 19.95 4.47 18.56
N LEU A 131 19.43 3.64 17.63
CA LEU A 131 20.33 2.71 16.94
C LEU A 131 21.30 3.42 15.99
N PHE A 132 21.04 4.67 15.61
CA PHE A 132 21.95 5.41 14.74
C PHE A 132 22.98 6.23 15.50
N THR A 133 22.96 6.17 16.84
CA THR A 133 23.73 7.13 17.64
C THR A 133 25.23 7.07 17.36
N GLN A 134 25.82 5.88 17.46
CA GLN A 134 27.25 5.76 17.26
C GLN A 134 27.64 6.21 15.85
N GLY A 135 26.91 5.73 14.84
CA GLY A 135 27.21 6.10 13.46
C GLY A 135 27.15 7.58 13.21
N LEU A 136 26.05 8.23 13.65
CA LEU A 136 25.85 9.65 13.38
C LEU A 136 26.86 10.51 14.14
N ASN A 137 27.09 10.20 15.41
CA ASN A 137 27.91 11.09 16.21
C ASN A 137 29.41 10.92 16.00
N THR A 138 29.85 9.87 15.33
CA THR A 138 31.25 9.75 14.92
C THR A 138 31.51 10.23 13.51
N THR A 139 30.59 9.93 12.59
CA THR A 139 30.82 10.26 11.19
C THR A 139 30.27 11.62 10.78
N LEU A 140 29.35 12.19 11.56
CA LEU A 140 28.82 13.53 11.29
C LEU A 140 28.83 14.36 12.57
N PRO A 141 30.01 14.59 13.14
CA PRO A 141 30.07 15.26 14.45
C PRO A 141 29.65 16.72 14.46
N HIS A 142 29.60 17.40 13.31
CA HIS A 142 29.23 18.80 13.26
C HIS A 142 27.76 19.02 12.91
N LEU A 143 27.01 17.94 12.71
CA LEU A 143 25.58 18.04 12.45
C LEU A 143 24.82 17.80 13.74
N PRO A 144 24.00 18.76 14.22
CA PRO A 144 23.21 18.50 15.44
C PRO A 144 22.37 17.25 15.31
N ASN A 145 22.59 16.30 16.22
CA ASN A 145 21.87 15.04 16.24
C ASN A 145 21.11 14.98 17.56
N TYR A 146 19.79 14.99 17.48
CA TYR A 146 18.94 14.80 18.64
C TYR A 146 18.53 13.33 18.67
N THR A 147 18.96 12.61 19.70
CA THR A 147 18.56 11.22 19.85
C THR A 147 17.16 11.16 20.45
N PHE A 148 16.22 10.57 19.74
CA PHE A 148 14.83 10.54 20.17
C PHE A 148 14.53 9.15 20.72
N THR A 149 14.48 9.02 22.05
CA THR A 149 14.11 7.72 22.61
C THR A 149 12.59 7.54 22.61
N THR A 150 12.15 6.29 22.45
CA THR A 150 10.74 6.01 22.35
C THR A 150 10.14 5.46 23.63
N THR A 151 10.92 5.39 24.70
CA THR A 151 10.42 4.86 25.97
C THR A 151 10.32 6.01 26.99
N SER A 152 10.00 5.66 28.22
CA SER A 152 9.91 6.65 29.29
C SER A 152 11.29 7.22 29.60
N ALA A 153 11.30 8.43 30.18
CA ALA A 153 12.56 8.95 30.71
C ALA A 153 13.15 7.97 31.73
N ARG A 154 12.28 7.38 32.56
CA ARG A 154 12.71 6.38 33.54
C ARG A 154 13.47 5.23 32.89
N PHE A 155 12.84 4.54 31.95
CA PHE A 155 13.52 3.38 31.38
C PHE A 155 14.69 3.80 30.49
N PHE A 156 14.59 4.96 29.85
CA PHE A 156 15.74 5.46 29.08
C PHE A 156 16.95 5.60 29.98
N THR A 157 16.75 6.08 31.20
CA THR A 157 17.88 6.24 32.10
C THR A 157 18.56 4.91 32.36
N LEU A 158 17.77 3.86 32.58
CA LEU A 158 18.34 2.54 32.80
C LEU A 158 19.13 2.08 31.57
N MET A 159 18.59 2.30 30.37
CA MET A 159 19.29 1.91 29.14
C MET A 159 20.63 2.62 29.00
N SER A 160 20.67 3.91 29.28
CA SER A 160 21.92 4.66 29.20
C SER A 160 22.92 4.20 30.25
N TYR A 161 22.47 3.55 31.31
CA TYR A 161 23.34 2.98 32.33
C TYR A 161 23.87 1.62 31.95
N VAL A 162 23.30 0.97 30.94
CA VAL A 162 23.75 -0.37 30.56
C VAL A 162 25.24 -0.37 30.24
N PRO A 163 25.90 0.60 29.69
CA PRO A 163 27.32 0.37 29.67
C PRO A 163 27.94 0.22 31.04
N HIS A 164 27.43 0.87 32.06
CA HIS A 164 28.09 0.89 33.35
C HIS A 164 27.70 -0.22 34.17
N LEU A 165 26.90 -1.08 33.66
CA LEU A 165 26.70 -2.26 34.40
C LEU A 165 27.80 -3.02 33.82
N ALA A 166 28.00 -4.22 34.32
CA ALA A 166 28.71 -5.23 33.56
C ALA A 166 30.15 -5.01 33.80
N LYS A 167 30.59 -5.60 34.88
CA LYS A 167 30.58 -5.09 36.18
C LYS A 167 29.34 -5.50 36.90
N SER A 168 28.35 -5.94 36.15
CA SER A 168 27.40 -6.95 36.54
C SER A 168 26.77 -6.82 37.93
N SER A 169 26.75 -7.94 38.64
CA SER A 169 25.77 -8.39 39.59
C SER A 169 24.33 -8.50 39.18
N SER A 170 24.04 -9.52 38.44
CA SER A 170 22.78 -9.72 37.78
C SER A 170 21.79 -9.75 38.85
N SER A 171 22.29 -9.82 40.07
CA SER A 171 21.44 -10.01 41.19
C SER A 171 21.67 -8.89 42.19
N SER A 172 21.19 -7.71 41.89
CA SER A 172 21.02 -6.71 42.91
C SER A 172 20.28 -5.66 42.23
N PRO A 173 19.34 -5.01 42.89
CA PRO A 173 18.75 -3.80 42.35
C PRO A 173 19.83 -2.85 41.85
N VAL A 174 19.55 -2.20 40.73
CA VAL A 174 20.48 -1.27 40.12
C VAL A 174 20.18 0.13 40.67
N GLU A 175 21.18 0.73 41.32
CA GLU A 175 21.06 2.04 41.96
C GLU A 175 21.79 3.08 41.12
N ILE A 176 21.07 3.73 40.23
CA ILE A 176 21.60 4.92 39.55
C ILE A 176 21.51 6.11 40.51
N PRO A 177 22.60 6.85 40.71
CA PRO A 177 22.57 7.94 41.70
C PRO A 177 21.44 8.92 41.41
N GLY A 178 20.68 9.24 42.44
CA GLY A 178 19.68 10.27 42.33
C GLY A 178 18.31 9.79 41.93
N LEU A 179 18.16 8.50 41.62
CA LEU A 179 16.86 7.98 41.27
C LEU A 179 16.53 6.76 42.12
N GLU A 180 15.24 6.52 42.26
CA GLU A 180 14.78 5.33 42.95
C GLU A 180 15.41 4.10 42.32
N PRO A 181 15.83 3.12 43.10
CA PRO A 181 16.51 1.95 42.51
C PRO A 181 15.60 1.18 41.56
N PHE A 182 16.24 0.46 40.62
CA PHE A 182 15.55 -0.40 39.68
C PHE A 182 15.55 -1.83 40.20
N PRO A 183 14.42 -2.39 40.57
CA PRO A 183 14.42 -3.79 41.04
C PRO A 183 14.81 -4.74 39.92
N THR A 184 15.42 -5.86 40.31
CA THR A 184 15.93 -6.82 39.34
C THR A 184 14.84 -7.31 38.40
N ASP A 185 13.64 -7.55 38.94
CA ASP A 185 12.53 -8.07 38.15
C ASP A 185 12.03 -7.11 37.08
N ASN A 186 12.40 -5.83 37.14
CA ASN A 186 12.02 -4.90 36.09
C ASN A 186 13.10 -4.71 35.04
N ILE A 187 14.24 -5.35 35.20
CA ILE A 187 15.37 -5.17 34.28
C ILE A 187 15.42 -6.36 33.33
N PRO A 188 15.42 -6.14 32.02
CA PRO A 188 15.62 -7.26 31.08
C PRO A 188 16.91 -8.01 31.41
N PRO A 189 16.82 -9.31 31.69
CA PRO A 189 18.00 -10.08 32.08
C PRO A 189 19.16 -9.95 31.10
N PRO A 190 18.92 -9.81 29.78
CA PRO A 190 20.08 -9.61 28.87
C PRO A 190 20.99 -8.43 29.22
N PHE A 191 20.45 -7.38 29.84
CA PHE A 191 21.23 -6.19 30.16
C PHE A 191 22.49 -6.49 30.98
N PHE A 192 22.48 -7.59 31.73
CA PHE A 192 23.63 -7.99 32.53
C PHE A 192 24.65 -8.81 31.74
N ASN A 193 24.38 -9.08 30.47
CA ASN A 193 25.30 -9.86 29.63
C ASN A 193 25.78 -9.00 28.46
N PRO A 194 27.02 -8.49 28.50
CA PRO A 194 27.48 -7.57 27.43
C PRO A 194 27.56 -8.20 26.06
N GLU A 195 27.55 -9.52 25.95
CA GLU A 195 27.62 -10.20 24.67
C GLU A 195 26.26 -10.58 24.11
N HIS A 196 25.19 -10.35 24.85
CA HIS A 196 23.86 -10.53 24.28
C HIS A 196 23.66 -9.53 23.16
N ILE A 197 22.99 -9.98 22.09
CA ILE A 197 22.83 -9.14 20.89
C ILE A 197 22.20 -7.80 21.24
N PHE A 198 21.17 -7.81 22.09
CA PHE A 198 20.51 -6.55 22.40
C PHE A 198 21.44 -5.63 23.20
N THR A 199 22.09 -6.19 24.22
CA THR A 199 23.01 -5.41 25.03
C THR A 199 24.16 -4.85 24.19
N SER A 200 24.59 -5.60 23.17
CA SER A 200 25.77 -5.19 22.39
C SER A 200 25.52 -3.88 21.68
N PHE A 201 24.44 -3.78 20.92
CA PHE A 201 24.20 -2.49 20.27
C PHE A 201 23.63 -1.44 21.22
N THR A 202 23.04 -1.83 22.35
CA THR A 202 22.68 -0.82 23.35
C THR A 202 23.93 -0.15 23.92
N ILE A 203 24.95 -0.94 24.25
CA ILE A 203 26.21 -0.38 24.73
C ILE A 203 26.86 0.47 23.63
N SER A 204 26.90 -0.05 22.40
CA SER A 204 27.57 0.68 21.33
C SER A 204 26.98 2.07 21.13
N ASN A 205 25.66 2.17 21.18
CA ASN A 205 25.05 3.46 20.93
C ASN A 205 24.98 4.34 22.18
N ALA A 206 24.75 3.74 23.35
CA ALA A 206 24.70 4.53 24.58
C ALA A 206 26.05 5.15 24.89
N LYS A 207 27.15 4.50 24.47
CA LYS A 207 28.45 5.10 24.70
C LYS A 207 28.63 6.43 23.97
N TYR A 208 27.77 6.73 22.99
CA TYR A 208 27.86 7.97 22.22
C TYR A 208 26.73 8.95 22.50
N PHE A 209 25.87 8.67 23.50
CA PHE A 209 24.82 9.61 23.86
C PHE A 209 25.40 10.98 24.21
N SER A 210 26.61 11.00 24.79
CA SER A 210 27.17 12.27 25.25
C SER A 210 27.45 13.24 24.11
N LEU A 211 27.53 12.77 22.87
CA LEU A 211 27.78 13.67 21.76
C LEU A 211 26.51 14.08 21.02
N SER A 212 25.36 13.55 21.40
CA SER A 212 24.13 14.05 20.84
C SER A 212 23.86 15.45 21.37
N LYS A 213 23.16 16.27 20.58
CA LYS A 213 22.82 17.62 21.04
C LYS A 213 21.83 17.58 22.18
N GLY A 214 20.97 16.56 22.20
CA GLY A 214 20.01 16.37 23.27
C GLY A 214 19.38 15.01 23.11
N ILE A 215 18.76 14.54 24.20
CA ILE A 215 17.89 13.36 24.16
C ILE A 215 16.46 13.85 24.21
N LEU A 216 15.68 13.53 23.18
CA LEU A 216 14.27 13.86 23.19
C LEU A 216 13.48 12.67 23.72
N VAL A 217 12.46 12.96 24.53
CA VAL A 217 11.61 11.92 25.13
C VAL A 217 10.16 12.27 24.91
N ASN A 218 9.37 11.24 24.55
CA ASN A 218 7.94 11.40 24.37
C ASN A 218 7.28 11.33 25.76
N THR A 219 7.52 12.37 26.53
CA THR A 219 6.99 12.49 27.88
C THR A 219 6.79 13.98 28.15
N PHE A 220 6.34 14.32 29.36
CA PHE A 220 6.20 15.72 29.70
C PHE A 220 6.61 15.93 31.15
N ASP A 221 6.98 17.19 31.44
CA ASP A 221 7.66 17.51 32.70
C ASP A 221 6.88 17.00 33.92
N SER A 222 5.59 17.32 34.00
CA SER A 222 4.83 16.91 35.18
C SER A 222 4.50 15.41 35.22
N PHE A 223 4.83 14.65 34.15
CA PHE A 223 4.60 13.21 34.16
C PHE A 223 5.74 12.46 34.84
N GLU A 224 6.99 12.89 34.63
CA GLU A 224 8.17 12.25 35.23
C GLU A 224 9.08 13.29 35.89
N PRO A 225 8.54 14.07 36.82
CA PRO A 225 9.32 15.23 37.32
C PRO A 225 10.55 14.83 38.13
N GLU A 226 10.48 13.77 38.94
CA GLU A 226 11.64 13.38 39.73
C GLU A 226 12.77 12.86 38.84
N THR A 227 12.41 12.07 37.83
CA THR A 227 13.42 11.52 36.92
C THR A 227 14.04 12.62 36.10
N LEU A 228 13.21 13.49 35.53
CA LEU A 228 13.72 14.58 34.70
C LEU A 228 14.53 15.59 35.53
N SER A 229 14.05 15.91 36.74
CA SER A 229 14.80 16.79 37.63
C SER A 229 16.18 16.24 37.93
N ALA A 230 16.25 14.96 38.27
CA ALA A 230 17.54 14.33 38.59
C ALA A 230 18.46 14.38 37.39
N LEU A 231 17.93 14.07 36.20
CA LEU A 231 18.77 14.04 35.01
C LEU A 231 19.37 15.42 34.72
N ASN A 232 18.56 16.46 34.81
CA ASN A 232 19.02 17.72 34.26
C ASN A 232 19.68 18.60 35.31
N SER A 233 19.77 18.11 36.54
CA SER A 233 20.51 18.77 37.59
C SER A 233 21.91 18.20 37.77
N GLY A 234 22.25 17.11 37.09
CA GLY A 234 23.54 16.47 37.26
C GLY A 234 23.56 15.37 38.29
N ASP A 235 22.42 15.09 38.93
CA ASP A 235 22.35 14.15 40.05
C ASP A 235 22.73 12.72 39.64
N THR A 236 22.46 12.32 38.40
CA THR A 236 22.75 10.95 38.01
C THR A 236 24.23 10.70 37.74
N LEU A 237 25.04 11.76 37.71
CA LEU A 237 26.49 11.74 37.47
C LEU A 237 26.87 11.26 36.07
N SER A 238 25.91 11.12 35.17
CA SER A 238 26.21 10.61 33.84
C SER A 238 26.62 11.76 32.91
N ASP A 239 27.11 11.39 31.73
CA ASP A 239 27.61 12.31 30.71
C ASP A 239 26.56 12.64 29.64
N LEU A 240 25.29 12.42 29.95
CA LEU A 240 24.21 12.70 29.00
C LEU A 240 24.13 14.18 28.65
N PRO A 241 23.74 14.51 27.41
CA PRO A 241 23.33 15.88 27.09
C PRO A 241 21.97 16.16 27.70
N PRO A 242 21.42 17.38 27.53
CA PRO A 242 20.10 17.66 28.12
C PRO A 242 19.04 16.70 27.62
N VAL A 243 18.18 16.26 28.55
CA VAL A 243 17.10 15.34 28.26
C VAL A 243 15.82 16.16 28.16
N ILE A 244 15.20 16.15 26.99
CA ILE A 244 14.20 17.16 26.66
C ILE A 244 12.84 16.51 26.40
N PRO A 245 11.86 16.68 27.27
CA PRO A 245 10.52 16.16 26.98
C PRO A 245 9.85 16.99 25.88
N ILE A 246 9.35 16.31 24.89
CA ILE A 246 8.60 16.91 23.83
C ILE A 246 7.21 16.37 23.62
N GLY A 247 6.73 15.60 24.54
CA GLY A 247 5.45 14.96 24.47
C GLY A 247 4.31 15.55 25.28
N PRO A 248 3.00 15.05 25.21
CA PRO A 248 2.80 13.96 24.27
C PRO A 248 2.67 14.50 22.88
N LEU A 249 3.05 13.72 21.91
CA LEU A 249 3.02 14.15 20.54
C LEU A 249 1.63 14.01 19.97
N ASN A 250 1.22 14.96 19.14
CA ASN A 250 -0.10 14.98 18.55
C ASN A 250 -0.38 13.72 17.74
N GLU A 251 -1.55 13.14 17.96
CA GLU A 251 -1.88 11.90 17.29
C GLU A 251 -2.13 12.17 15.81
N LEU A 252 -1.96 11.14 15.01
CA LEU A 252 -2.06 11.28 13.56
C LEU A 252 -3.52 11.22 13.14
N GLU A 253 -3.88 12.07 12.20
CA GLU A 253 -5.21 12.08 11.75
C GLU A 253 -5.20 10.94 10.79
N HIS A 254 -6.10 10.01 11.01
CA HIS A 254 -6.18 8.87 10.17
C HIS A 254 -7.45 9.05 9.39
N ASN A 255 -7.48 8.40 8.26
CA ASN A 255 -8.43 8.68 7.22
C ASN A 255 -9.87 8.44 7.62
N LYS A 256 -10.02 7.19 8.04
CA LYS A 256 -11.26 6.52 8.22
C LYS A 256 -11.49 6.70 9.67
N GLN A 257 -12.60 7.31 9.98
CA GLN A 257 -13.05 7.55 11.33
C GLN A 257 -13.28 6.17 11.83
N GLU A 258 -13.23 5.95 13.13
CA GLU A 258 -13.30 4.59 13.66
C GLU A 258 -14.68 4.00 13.59
N GLU A 259 -14.80 2.75 13.20
CA GLU A 259 -16.12 2.15 12.97
C GLU A 259 -16.93 1.94 14.24
N LEU A 260 -16.27 1.79 15.38
CA LEU A 260 -16.98 1.53 16.62
C LEU A 260 -17.45 2.81 17.29
N LEU A 261 -17.25 3.96 16.64
CA LEU A 261 -17.68 5.22 17.24
C LEU A 261 -19.20 5.31 17.38
N PRO A 262 -20.02 4.85 16.43
CA PRO A 262 -21.47 4.86 16.67
C PRO A 262 -21.90 3.97 17.83
N TRP A 263 -21.30 2.80 17.97
CA TRP A 263 -21.62 1.94 19.12
C TRP A 263 -21.20 2.60 20.42
N LEU A 264 -19.99 3.17 20.45
CA LEU A 264 -19.54 3.92 21.62
C LEU A 264 -20.48 5.07 21.95
N ASP A 265 -21.03 5.72 20.91
CA ASP A 265 -21.98 6.81 21.10
C ASP A 265 -23.23 6.34 21.85
N GLN A 266 -23.52 5.04 21.82
CA GLN A 266 -24.66 4.46 22.51
C GLN A 266 -24.33 3.96 23.91
N GLN A 267 -23.07 4.02 24.32
CA GLN A 267 -22.75 3.47 25.63
C GLN A 267 -22.72 4.59 26.66
N PRO A 268 -23.03 4.32 27.94
CA PRO A 268 -22.97 5.39 28.94
C PRO A 268 -21.56 5.95 29.06
N GLU A 269 -21.48 7.19 29.52
CA GLU A 269 -20.20 7.84 29.63
C GLU A 269 -19.30 7.07 30.59
N LYS A 270 -18.04 6.87 30.19
CA LYS A 270 -17.01 6.22 31.00
C LYS A 270 -17.41 4.81 31.44
N SER A 271 -18.15 4.08 30.60
CA SER A 271 -18.58 2.74 30.95
C SER A 271 -17.83 1.63 30.24
N VAL A 272 -16.93 1.94 29.31
CA VAL A 272 -16.33 0.93 28.43
C VAL A 272 -14.87 0.76 28.77
N LEU A 273 -14.46 -0.49 28.99
CA LEU A 273 -13.06 -0.81 29.20
C LEU A 273 -12.44 -1.13 27.85
N TYR A 274 -11.38 -0.40 27.48
CA TYR A 274 -10.67 -0.67 26.24
C TYR A 274 -9.51 -1.59 26.58
N VAL A 275 -9.36 -2.67 25.82
CA VAL A 275 -8.35 -3.68 26.11
C VAL A 275 -7.48 -3.83 24.87
N SER A 276 -6.18 -3.57 25.01
CA SER A 276 -5.23 -3.78 23.92
C SER A 276 -3.83 -3.99 24.47
N PHE A 277 -3.19 -5.06 24.04
CA PHE A 277 -1.86 -5.36 24.53
C PHE A 277 -0.79 -5.08 23.49
N GLY A 278 -1.11 -4.50 22.38
CA GLY A 278 -0.07 -4.22 21.42
C GLY A 278 0.36 -5.36 20.50
N ASN A 279 1.00 -5.07 19.37
CA ASN A 279 1.36 -6.13 18.37
C ASN A 279 2.41 -7.15 18.84
N ARG A 280 3.22 -6.67 19.73
CA ARG A 280 4.23 -7.30 20.51
C ARG A 280 3.78 -8.36 21.51
N THR A 281 2.56 -8.26 22.02
CA THR A 281 2.15 -9.01 23.19
C THR A 281 2.42 -10.45 22.98
N ALA A 282 2.87 -11.07 24.01
CA ALA A 282 3.11 -12.50 23.90
C ALA A 282 2.20 -13.17 24.95
N MET A 283 0.91 -13.26 24.66
CA MET A 283 -0.03 -13.93 25.55
C MET A 283 -0.55 -15.20 24.91
N SER A 284 -0.44 -16.30 25.65
CA SER A 284 -0.88 -17.61 25.19
C SER A 284 -2.40 -17.66 25.03
N SER A 285 -2.86 -18.66 24.27
CA SER A 285 -4.29 -18.87 24.11
C SER A 285 -4.97 -19.13 25.44
N ASP A 286 -4.28 -19.82 26.35
CA ASP A 286 -4.85 -20.06 27.67
C ASP A 286 -5.03 -18.75 28.43
N GLN A 287 -4.08 -17.83 28.29
CA GLN A 287 -4.20 -16.52 28.94
C GLN A 287 -5.34 -15.71 28.32
N ILE A 288 -5.43 -15.70 26.99
CA ILE A 288 -6.52 -15.00 26.33
C ILE A 288 -7.86 -15.57 26.81
N LEU A 289 -7.92 -16.88 26.95
CA LEU A 289 -9.18 -17.50 27.34
C LEU A 289 -9.54 -17.13 28.79
N GLU A 290 -8.55 -17.15 29.71
CA GLU A 290 -8.84 -16.74 31.08
C GLU A 290 -9.28 -15.28 31.15
N LEU A 291 -8.65 -14.42 30.34
CA LEU A 291 -9.06 -13.02 30.29
C LEU A 291 -10.50 -12.90 29.82
N GLY A 292 -10.85 -13.61 28.75
CA GLY A 292 -12.24 -13.65 28.32
C GLY A 292 -13.18 -14.15 29.40
N MET A 293 -12.81 -15.21 30.12
CA MET A 293 -13.67 -15.68 31.21
C MET A 293 -13.80 -14.60 32.28
N GLY A 294 -12.70 -13.90 32.56
CA GLY A 294 -12.75 -12.86 33.57
C GLY A 294 -13.61 -11.69 33.14
N LEU A 295 -13.43 -11.22 31.90
CA LEU A 295 -14.26 -10.11 31.42
C LEU A 295 -15.73 -10.50 31.41
N GLU A 296 -16.03 -11.75 31.02
CA GLU A 296 -17.43 -12.16 30.98
C GLU A 296 -18.03 -12.17 32.38
N ARG A 297 -17.28 -12.63 33.38
CA ARG A 297 -17.89 -12.65 34.68
C ARG A 297 -17.88 -11.27 35.32
N SER A 298 -17.16 -10.31 34.73
CA SER A 298 -17.22 -8.95 35.27
C SER A 298 -18.44 -8.22 34.74
N ASP A 299 -18.98 -8.67 33.61
CA ASP A 299 -20.13 -8.09 32.95
C ASP A 299 -19.92 -6.62 32.58
N CYS A 300 -18.67 -6.19 32.41
CA CYS A 300 -18.43 -4.83 31.99
C CYS A 300 -18.60 -4.72 30.46
N ARG A 301 -18.83 -3.50 29.99
CA ARG A 301 -18.75 -3.24 28.56
C ARG A 301 -17.27 -3.12 28.19
N PHE A 302 -16.94 -3.47 26.94
CA PHE A 302 -15.53 -3.45 26.58
C PHE A 302 -15.38 -3.37 25.06
N ILE A 303 -14.18 -2.95 24.66
CA ILE A 303 -13.65 -3.12 23.33
C ILE A 303 -12.30 -3.81 23.50
N TRP A 304 -12.15 -5.00 22.92
CA TRP A 304 -10.97 -5.83 23.16
C TRP A 304 -10.30 -6.16 21.84
N VAL A 305 -9.09 -5.67 21.62
CA VAL A 305 -8.30 -6.04 20.44
C VAL A 305 -7.63 -7.37 20.73
N VAL A 306 -8.09 -8.43 20.08
CA VAL A 306 -7.54 -9.75 20.31
C VAL A 306 -7.08 -10.31 18.97
N LYS A 307 -5.86 -10.85 18.95
CA LYS A 307 -5.30 -11.50 17.76
C LYS A 307 -5.27 -10.56 16.55
N ASP A 312 -6.81 -9.46 7.13
CA ASP A 312 -7.01 -10.80 7.67
C ASP A 312 -8.46 -11.02 8.09
N LYS A 313 -8.85 -10.33 9.16
CA LYS A 313 -9.92 -10.80 10.04
C LYS A 313 -11.16 -9.92 9.95
N ASP A 314 -12.24 -10.52 9.46
CA ASP A 314 -13.55 -10.36 10.08
C ASP A 314 -14.04 -11.73 10.51
N ASP A 315 -13.09 -12.64 10.73
CA ASP A 315 -13.36 -14.00 11.14
C ASP A 315 -13.55 -14.04 12.65
N LYS A 316 -14.69 -14.55 13.07
CA LYS A 316 -14.91 -14.84 14.46
C LYS A 316 -14.55 -16.28 14.79
N SER A 317 -14.23 -17.08 13.76
CA SER A 317 -14.06 -18.51 13.97
C SER A 317 -12.89 -18.80 14.90
N GLU A 318 -11.76 -18.12 14.69
CA GLU A 318 -10.68 -18.21 15.66
C GLU A 318 -11.17 -17.82 17.04
N LEU A 319 -12.00 -16.78 17.12
CA LEU A 319 -12.54 -16.37 18.40
C LEU A 319 -13.58 -17.37 18.91
N ARG A 320 -14.42 -17.90 18.02
CA ARG A 320 -15.33 -18.96 18.44
C ARG A 320 -14.57 -20.22 18.83
N LYS A 321 -13.55 -20.62 18.06
CA LYS A 321 -12.75 -21.77 18.47
C LYS A 321 -12.09 -21.48 19.82
N LEU A 322 -11.47 -20.33 19.97
CA LEU A 322 -10.72 -20.01 21.19
C LEU A 322 -11.63 -20.00 22.41
N PHE A 323 -12.68 -19.19 22.39
CA PHE A 323 -13.54 -19.12 23.56
C PHE A 323 -14.55 -20.26 23.66
N GLY A 324 -14.84 -20.98 22.57
CA GLY A 324 -16.00 -21.87 22.57
C GLY A 324 -17.26 -21.03 22.44
N GLU A 325 -18.39 -21.67 22.17
CA GLU A 325 -19.45 -20.92 21.52
C GLU A 325 -20.21 -20.09 22.58
N GLU A 326 -20.38 -20.66 23.77
CA GLU A 326 -21.11 -20.03 24.87
C GLU A 326 -20.37 -18.80 25.37
N LEU A 327 -19.08 -18.92 25.61
CA LEU A 327 -18.33 -17.78 26.14
C LEU A 327 -18.24 -16.67 25.11
N TYR A 328 -18.00 -17.04 23.85
CA TYR A 328 -17.92 -16.07 22.77
C TYR A 328 -19.20 -15.25 22.68
N LEU A 329 -20.35 -15.91 22.74
CA LEU A 329 -21.62 -15.20 22.59
C LEU A 329 -21.91 -14.33 23.82
N LYS A 330 -21.55 -14.81 25.01
CA LYS A 330 -21.74 -13.98 26.21
C LYS A 330 -20.87 -12.73 26.15
N LEU A 331 -19.61 -12.88 25.72
CA LEU A 331 -18.73 -11.73 25.57
C LEU A 331 -19.29 -10.75 24.55
N SER A 332 -19.74 -11.26 23.40
CA SER A 332 -20.26 -10.39 22.35
C SER A 332 -21.52 -9.65 22.78
N GLU A 333 -22.23 -10.14 23.81
CA GLU A 333 -23.39 -9.42 24.34
C GLU A 333 -22.98 -8.11 24.99
N LYS A 334 -21.81 -8.08 25.63
CA LYS A 334 -21.37 -6.92 26.41
C LYS A 334 -20.29 -6.08 25.74
N GLY A 335 -19.48 -6.66 24.86
CA GLY A 335 -18.38 -5.88 24.31
C GLY A 335 -18.11 -6.26 22.86
N LYS A 336 -17.06 -5.65 22.31
CA LYS A 336 -16.64 -5.87 20.93
C LYS A 336 -15.30 -6.59 20.92
N LEU A 337 -15.22 -7.70 20.20
CA LEU A 337 -13.97 -8.41 19.97
C LEU A 337 -13.53 -8.09 18.55
N VAL A 338 -12.39 -7.39 18.40
CA VAL A 338 -12.04 -6.83 17.12
C VAL A 338 -10.57 -7.10 16.78
N LYS A 339 -10.27 -7.01 15.48
CA LYS A 339 -8.91 -7.21 14.99
C LYS A 339 -8.03 -5.99 15.17
N TRP A 340 -8.57 -4.79 14.92
CA TRP A 340 -7.80 -3.56 15.05
C TRP A 340 -8.76 -2.39 15.29
N VAL A 341 -8.22 -1.33 15.90
CA VAL A 341 -8.93 -0.07 16.06
C VAL A 341 -7.99 1.09 15.79
N ASN A 342 -8.58 2.27 15.60
CA ASN A 342 -7.86 3.53 15.66
C ASN A 342 -7.81 3.90 17.14
N GLN A 343 -6.67 3.64 17.78
CA GLN A 343 -6.62 3.65 19.24
C GLN A 343 -6.84 5.05 19.82
N THR A 344 -6.34 6.09 19.16
CA THR A 344 -6.54 7.44 19.71
C THR A 344 -8.01 7.85 19.64
N GLU A 345 -8.72 7.40 18.60
CA GLU A 345 -10.15 7.69 18.52
C GLU A 345 -10.96 6.97 19.59
N ILE A 346 -10.56 5.74 19.92
CA ILE A 346 -11.21 5.02 21.02
C ILE A 346 -10.93 5.72 22.35
N LEU A 347 -9.64 5.97 22.62
CA LEU A 347 -9.25 6.57 23.89
C LEU A 347 -9.81 7.98 24.08
N GLY A 348 -10.07 8.69 22.98
CA GLY A 348 -10.65 10.01 23.08
C GLY A 348 -12.15 10.06 23.30
N HIS A 349 -12.87 8.94 23.29
CA HIS A 349 -14.34 8.99 23.32
C HIS A 349 -14.80 8.96 24.76
N THR A 350 -15.82 9.76 25.07
CA THR A 350 -16.26 9.90 26.46
C THR A 350 -16.77 8.59 27.07
N ALA A 351 -17.20 7.63 26.26
CA ALA A 351 -17.74 6.38 26.81
C ALA A 351 -16.65 5.46 27.36
N VAL A 352 -15.39 5.69 26.99
CA VAL A 352 -14.29 4.83 27.45
C VAL A 352 -13.88 5.27 28.84
N GLY A 353 -13.93 4.34 29.79
CA GLY A 353 -13.65 4.64 31.18
C GLY A 353 -12.33 4.13 31.71
N GLY A 354 -11.66 3.28 30.95
CA GLY A 354 -10.39 2.73 31.40
C GLY A 354 -9.72 1.98 30.28
N PHE A 355 -8.46 1.65 30.52
CA PHE A 355 -7.57 1.12 29.49
C PHE A 355 -6.73 0.01 30.12
N LEU A 356 -7.02 -1.24 29.74
CA LEU A 356 -6.19 -2.38 30.14
C LEU A 356 -5.09 -2.55 29.10
N SER A 357 -3.83 -2.45 29.55
CA SER A 357 -2.74 -2.30 28.60
C SER A 357 -1.48 -2.97 29.14
N HIS A 358 -0.63 -3.43 28.22
CA HIS A 358 0.73 -3.90 28.52
C HIS A 358 1.67 -2.77 28.95
N CYS A 359 1.28 -1.51 28.75
CA CYS A 359 2.06 -0.34 29.12
C CYS A 359 3.29 -0.12 28.25
N GLY A 360 3.23 -0.47 26.96
CA GLY A 360 4.14 0.15 26.02
C GLY A 360 4.00 1.66 26.09
N TRP A 361 5.10 2.37 25.83
CA TRP A 361 5.13 3.79 26.12
C TRP A 361 4.26 4.61 25.17
N ASN A 362 4.10 4.19 23.92
CA ASN A 362 3.14 4.87 23.06
C ASN A 362 1.73 4.81 23.62
N SER A 363 1.31 3.64 24.10
CA SER A 363 -0.04 3.53 24.64
C SER A 363 -0.21 4.35 25.91
N VAL A 364 0.78 4.32 26.79
CA VAL A 364 0.74 5.15 28.00
C VAL A 364 0.50 6.61 27.65
N MET A 365 1.27 7.13 26.69
CA MET A 365 1.20 8.54 26.34
C MET A 365 -0.10 8.90 25.63
N GLU A 366 -0.67 7.97 24.85
CA GLU A 366 -1.98 8.24 24.29
C GLU A 366 -3.07 8.22 25.36
N ALA A 367 -2.94 7.35 26.35
CA ALA A 367 -3.89 7.39 27.47
C ALA A 367 -3.70 8.65 28.30
N ALA A 368 -2.45 9.04 28.55
CA ALA A 368 -2.17 10.23 29.35
C ALA A 368 -2.82 11.46 28.71
N ARG A 369 -2.66 11.61 27.40
CA ARG A 369 -3.23 12.77 26.73
C ARG A 369 -4.73 12.89 26.98
N ARG A 370 -5.42 11.77 27.11
CA ARG A 370 -6.88 11.74 27.27
C ARG A 370 -7.33 11.52 28.71
N GLY A 371 -6.40 11.42 29.66
CA GLY A 371 -6.78 11.22 31.05
C GLY A 371 -7.51 9.91 31.31
N VAL A 372 -7.18 8.86 30.57
CA VAL A 372 -7.87 7.58 30.67
C VAL A 372 -7.15 6.72 31.70
N PRO A 373 -7.82 6.28 32.77
CA PRO A 373 -7.14 5.42 33.77
C PRO A 373 -6.68 4.13 33.14
N ILE A 374 -5.51 3.69 33.58
CA ILE A 374 -4.82 2.52 33.02
C ILE A 374 -4.84 1.41 34.05
N LEU A 375 -5.20 0.21 33.61
CA LEU A 375 -4.89 -0.98 34.37
C LEU A 375 -3.68 -1.62 33.69
N ALA A 376 -2.54 -1.66 34.40
CA ALA A 376 -1.27 -2.04 33.78
C ALA A 376 -0.98 -3.52 34.02
N TRP A 377 -0.92 -4.30 32.94
CA TRP A 377 -0.46 -5.69 32.98
C TRP A 377 0.81 -5.80 32.14
N PRO A 378 1.94 -5.30 32.64
CA PRO A 378 3.16 -5.27 31.82
C PRO A 378 3.71 -6.66 31.57
N GLN A 379 4.38 -6.82 30.42
CA GLN A 379 4.83 -8.13 29.98
C GLN A 379 6.34 -8.26 29.93
N HIS A 380 7.04 -7.31 29.33
CA HIS A 380 8.49 -7.47 29.14
C HIS A 380 9.11 -6.15 28.72
N GLY A 381 10.43 -6.10 28.77
CA GLY A 381 11.15 -4.94 28.33
C GLY A 381 10.94 -3.77 29.29
N ASP A 382 10.58 -2.64 28.72
CA ASP A 382 10.44 -1.42 29.49
C ASP A 382 9.10 -1.36 30.25
N GLN A 383 8.22 -2.38 30.08
CA GLN A 383 6.82 -2.20 30.44
C GLN A 383 6.61 -2.16 31.94
N ARG A 384 7.43 -2.86 32.72
CA ARG A 384 7.18 -2.82 34.15
C ARG A 384 7.63 -1.49 34.75
N GLU A 385 8.76 -0.93 34.27
CA GLU A 385 9.12 0.40 34.72
C GLU A 385 8.11 1.44 34.26
N ASN A 386 7.62 1.32 33.01
CA ASN A 386 6.56 2.22 32.54
C ASN A 386 5.32 2.12 33.44
N ALA A 387 4.96 0.91 33.86
CA ALA A 387 3.79 0.73 34.72
C ALA A 387 4.00 1.42 36.05
N TRP A 388 5.22 1.35 36.58
CA TRP A 388 5.54 2.08 37.81
C TRP A 388 5.40 3.58 37.60
N VAL A 389 5.87 4.11 36.46
CA VAL A 389 5.72 5.53 36.17
C VAL A 389 4.24 5.91 36.12
N VAL A 390 3.43 5.08 35.45
CA VAL A 390 1.98 5.29 35.39
C VAL A 390 1.39 5.35 36.78
N GLU A 391 1.79 4.41 37.65
CA GLU A 391 1.24 4.39 38.99
C GLU A 391 1.70 5.62 39.79
N LYS A 392 2.99 5.98 39.66
CA LYS A 392 3.52 7.14 40.37
C LYS A 392 2.82 8.43 39.95
N ALA A 393 2.44 8.54 38.68
CA ALA A 393 1.79 9.75 38.21
C ALA A 393 0.29 9.82 38.54
N GLY A 394 -0.29 8.75 39.07
CA GLY A 394 -1.72 8.73 39.29
C GLY A 394 -2.53 8.50 38.05
N LEU A 395 -1.91 8.00 36.98
CA LEU A 395 -2.63 7.66 35.77
C LEU A 395 -3.22 6.26 35.80
N GLY A 396 -2.80 5.40 36.73
CA GLY A 396 -3.30 4.04 36.68
C GLY A 396 -2.80 3.19 37.83
N VAL A 397 -3.05 1.90 37.72
CA VAL A 397 -2.73 0.92 38.75
C VAL A 397 -2.01 -0.24 38.08
N TRP A 398 -0.94 -0.70 38.69
CA TRP A 398 -0.14 -1.79 38.15
C TRP A 398 -0.46 -3.06 38.93
N GLU A 399 -1.02 -4.05 38.23
CA GLU A 399 -1.30 -5.36 38.83
C GLU A 399 -0.04 -6.21 38.70
N ARG A 400 0.75 -6.29 39.77
CA ARG A 400 2.11 -6.82 39.64
C ARG A 400 2.11 -8.29 39.24
N GLU A 401 1.20 -9.07 39.78
CA GLU A 401 1.19 -10.50 39.49
C GLU A 401 -0.07 -10.89 38.73
N TRP A 402 -0.44 -10.07 37.74
CA TRP A 402 -1.63 -10.36 36.94
C TRP A 402 -1.58 -11.76 36.34
N ALA A 403 -0.39 -12.22 35.94
CA ALA A 403 -0.31 -13.53 35.29
C ALA A 403 -0.58 -14.67 36.26
N SER A 404 -0.43 -14.46 37.57
CA SER A 404 -0.67 -15.53 38.53
C SER A 404 -2.15 -15.77 38.79
N GLY A 405 -3.04 -14.92 38.27
CA GLY A 405 -4.47 -15.13 38.47
C GLY A 405 -5.27 -14.18 37.62
N ILE A 406 -5.38 -14.51 36.33
CA ILE A 406 -5.89 -13.54 35.36
C ILE A 406 -7.36 -13.24 35.63
N GLN A 407 -8.16 -14.28 35.87
CA GLN A 407 -9.60 -14.10 36.07
C GLN A 407 -9.88 -13.20 37.26
N ALA A 408 -9.31 -13.52 38.42
CA ALA A 408 -9.54 -12.70 39.60
C ALA A 408 -8.99 -11.29 39.42
N ALA A 409 -7.86 -11.16 38.73
CA ALA A 409 -7.25 -9.85 38.54
C ALA A 409 -8.18 -8.93 37.75
N ILE A 410 -8.80 -9.44 36.68
CA ILE A 410 -9.65 -8.57 35.88
C ILE A 410 -10.95 -8.28 36.61
N VAL A 411 -11.54 -9.29 37.25
CA VAL A 411 -12.82 -9.10 37.95
C VAL A 411 -12.67 -8.09 39.08
N GLU A 412 -11.57 -8.17 39.84
CA GLU A 412 -11.41 -7.30 40.99
C GLU A 412 -11.08 -5.87 40.57
N LYS A 413 -10.16 -5.68 39.62
CA LYS A 413 -9.66 -4.34 39.35
C LYS A 413 -10.52 -3.56 38.34
N VAL A 414 -11.34 -4.22 37.54
CA VAL A 414 -12.13 -3.48 36.55
C VAL A 414 -13.12 -2.55 37.26
N LYS A 415 -13.71 -2.99 38.37
CA LYS A 415 -14.63 -2.12 39.08
C LYS A 415 -13.90 -0.92 39.67
N MET A 416 -12.65 -1.10 40.07
CA MET A 416 -11.89 0.01 40.59
C MET A 416 -11.50 0.98 39.48
N ILE A 417 -11.04 0.47 38.35
CA ILE A 417 -10.67 1.32 37.21
C ILE A 417 -11.87 2.17 36.76
N MET A 418 -13.06 1.57 36.73
CA MET A 418 -14.22 2.25 36.19
C MET A 418 -15.03 3.00 37.24
N GLY A 419 -14.66 2.94 38.52
CA GLY A 419 -15.52 3.46 39.55
C GLY A 419 -14.85 4.19 40.70
N ASN A 420 -13.53 4.02 40.84
CA ASN A 420 -12.78 4.72 41.89
C ASN A 420 -12.64 6.18 41.52
N ASN A 421 -13.31 7.06 42.27
CA ASN A 421 -13.26 8.49 41.93
C ASN A 421 -11.88 9.09 42.15
N ASP A 422 -11.09 8.60 43.11
CA ASP A 422 -9.76 9.18 43.29
C ASP A 422 -8.89 8.92 42.07
N LEU A 423 -8.90 7.69 41.57
CA LEU A 423 -8.11 7.38 40.37
C LEU A 423 -8.66 8.09 39.15
N ARG A 424 -9.99 8.15 38.99
CA ARG A 424 -10.52 8.91 37.87
C ARG A 424 -10.08 10.36 37.95
N LYS A 425 -10.10 10.94 39.16
CA LYS A 425 -9.72 12.32 39.33
C LYS A 425 -8.24 12.55 39.02
N SER A 426 -7.36 11.70 39.56
CA SER A 426 -5.93 11.90 39.30
C SER A 426 -5.61 11.68 37.83
N ALA A 427 -6.24 10.68 37.21
CA ALA A 427 -6.02 10.45 35.78
C ALA A 427 -6.51 11.64 34.95
N MET A 428 -7.63 12.23 35.33
CA MET A 428 -8.12 13.40 34.61
C MET A 428 -7.15 14.56 34.74
N LYS A 429 -6.54 14.71 35.93
CA LYS A 429 -5.57 15.80 36.05
C LYS A 429 -4.30 15.51 35.26
N VAL A 430 -3.91 14.24 35.14
CA VAL A 430 -2.84 13.90 34.19
C VAL A 430 -3.19 14.36 32.79
N GLY A 431 -4.42 14.08 32.35
CA GLY A 431 -4.86 14.51 31.03
C GLY A 431 -4.80 16.01 30.83
N GLU A 432 -5.24 16.78 31.84
CA GLU A 432 -5.16 18.24 31.76
C GLU A 432 -3.70 18.73 31.67
N GLU A 433 -2.80 18.13 32.44
CA GLU A 433 -1.39 18.53 32.37
C GLU A 433 -0.79 18.12 31.03
N ALA A 434 -1.17 16.95 30.50
CA ALA A 434 -0.65 16.51 29.21
C ALA A 434 -1.10 17.44 28.09
N LYS A 435 -2.39 17.83 28.10
CA LYS A 435 -2.86 18.76 27.09
C LYS A 435 -2.14 20.09 27.22
N ARG A 436 -2.01 20.58 28.44
CA ARG A 436 -1.29 21.82 28.67
C ARG A 436 0.17 21.72 28.19
N ALA A 437 0.79 20.53 28.29
CA ALA A 437 2.20 20.40 27.92
C ALA A 437 2.41 20.61 26.43
N CYS A 438 1.46 20.14 25.61
CA CYS A 438 1.57 20.25 24.16
C CYS A 438 0.75 21.40 23.60
N ASP A 439 0.05 22.15 24.47
CA ASP A 439 -0.64 23.38 24.09
C ASP A 439 0.34 24.52 23.86
N VAL A 440 -0.18 25.64 23.36
CA VAL A 440 0.62 26.84 23.18
C VAL A 440 1.12 27.32 24.53
N GLY A 441 2.43 27.57 24.61
CA GLY A 441 3.05 27.92 25.87
C GLY A 441 3.40 26.74 26.75
N GLY A 442 2.98 25.53 26.39
CA GLY A 442 3.23 24.37 27.22
C GLY A 442 4.71 24.02 27.32
N SER A 443 5.05 23.26 28.37
CA SER A 443 6.45 22.89 28.61
C SER A 443 7.04 22.14 27.42
N SER A 444 6.29 21.21 26.82
CA SER A 444 6.84 20.42 25.72
C SER A 444 6.86 21.21 24.41
N ALA A 445 5.75 21.87 24.07
CA ALA A 445 5.75 22.70 22.87
C ALA A 445 6.85 23.75 22.91
N THR A 446 7.11 24.32 24.09
CA THR A 446 8.14 25.36 24.19
C THR A 446 9.51 24.76 23.93
N ALA A 447 9.77 23.58 24.50
CA ALA A 447 11.06 22.93 24.29
C ALA A 447 11.31 22.63 22.82
N LEU A 448 10.31 22.06 22.14
CA LEU A 448 10.54 21.71 20.75
C LEU A 448 10.63 22.96 19.88
N MET A 449 9.87 24.01 20.23
CA MET A 449 9.99 25.27 19.53
C MET A 449 11.37 25.89 19.71
N ASN A 450 11.93 25.79 20.93
CA ASN A 450 13.27 26.33 21.15
C ASN A 450 14.31 25.58 20.33
N ILE A 451 14.18 24.25 20.23
CA ILE A 451 15.09 23.47 19.40
C ILE A 451 15.03 23.93 17.96
N ILE A 452 13.83 24.00 17.40
CA ILE A 452 13.67 24.39 16.00
C ILE A 452 14.10 25.83 15.81
N GLY A 453 13.85 26.69 16.80
CA GLY A 453 14.33 28.06 16.71
C GLY A 453 15.84 28.17 16.65
N SER A 454 16.55 27.27 17.35
CA SER A 454 18.01 27.31 17.38
C SER A 454 18.64 27.02 16.02
N LEU A 455 17.88 26.48 15.11
CA LEU A 455 18.42 26.12 13.83
C LEU A 455 18.29 27.26 12.85
N LYS A 456 17.52 28.25 13.19
CA LYS A 456 17.36 29.38 12.33
C LYS A 456 18.44 30.36 12.65
N ARG A 457 19.30 30.50 11.66
CA ARG A 457 20.47 31.30 11.77
C ARG A 457 19.98 32.72 11.65
N ASP B 18 21.17 10.95 -12.81
CA ASP B 18 20.95 11.83 -13.94
C ASP B 18 20.02 11.23 -15.00
N GLN B 19 19.48 10.08 -14.67
CA GLN B 19 18.37 9.58 -15.39
C GLN B 19 17.26 10.51 -15.09
N PRO B 20 16.44 10.68 -16.05
CA PRO B 20 15.12 11.26 -15.81
C PRO B 20 14.26 10.55 -14.81
N HIS B 21 13.58 11.33 -13.99
CA HIS B 21 12.62 10.81 -13.05
C HIS B 21 11.23 11.02 -13.65
N VAL B 22 10.52 9.93 -13.93
CA VAL B 22 9.20 10.05 -14.52
C VAL B 22 8.18 9.36 -13.61
N VAL B 23 6.94 9.81 -13.70
CA VAL B 23 5.84 9.24 -12.96
C VAL B 23 4.91 8.54 -13.94
N VAL B 24 4.57 7.30 -13.64
CA VAL B 24 3.53 6.58 -14.36
C VAL B 24 2.28 6.61 -13.50
N CYS B 25 1.22 7.20 -14.03
CA CYS B 25 0.00 7.53 -13.29
C CYS B 25 -1.14 6.59 -13.69
N SER B 26 -1.29 5.50 -12.94
CA SER B 26 -2.24 4.44 -13.29
C SER B 26 -3.62 4.69 -12.67
N GLY B 27 -4.63 4.00 -13.21
CA GLY B 27 -6.01 4.27 -12.85
C GLY B 27 -6.68 3.17 -12.04
N ALA B 28 -7.64 2.47 -12.63
CA ALA B 28 -8.31 1.37 -11.93
C ALA B 28 -8.75 0.31 -12.91
N GLY B 29 -8.86 -0.92 -12.43
CA GLY B 29 -9.30 -2.02 -13.26
C GLY B 29 -8.12 -2.72 -13.91
N MET B 30 -8.15 -4.06 -13.91
CA MET B 30 -6.99 -4.82 -14.37
C MET B 30 -6.62 -4.46 -15.80
N GLY B 31 -7.58 -4.20 -16.61
CA GLY B 31 -7.35 -3.87 -17.98
C GLY B 31 -6.59 -2.59 -18.16
N HIS B 32 -6.80 -1.67 -17.26
CA HIS B 32 -6.09 -0.45 -17.25
C HIS B 32 -4.76 -0.46 -16.55
N LEU B 33 -4.63 -1.22 -15.49
CA LEU B 33 -3.40 -1.31 -14.73
C LEU B 33 -2.31 -2.05 -15.50
N THR B 34 -2.67 -3.14 -16.17
CA THR B 34 -1.64 -3.98 -16.81
C THR B 34 -0.72 -3.18 -17.74
N PRO B 35 -1.23 -2.44 -18.72
CA PRO B 35 -0.29 -1.72 -19.60
C PRO B 35 0.53 -0.65 -18.89
N PHE B 36 -0.03 -0.04 -17.83
CA PHE B 36 0.72 0.94 -17.05
C PHE B 36 1.86 0.29 -16.27
N LEU B 37 1.62 -0.90 -15.70
CA LEU B 37 2.69 -1.65 -15.07
C LEU B 37 3.77 -2.02 -16.08
N ASN B 38 3.36 -2.47 -17.28
CA ASN B 38 4.34 -2.80 -18.32
C ASN B 38 5.18 -1.58 -18.69
N LEU B 39 4.54 -0.42 -18.82
CA LEU B 39 5.31 0.79 -19.15
C LEU B 39 6.29 1.12 -18.04
N ALA B 40 5.83 1.08 -16.80
CA ALA B 40 6.70 1.36 -15.67
C ALA B 40 7.90 0.43 -15.67
N SER B 41 7.68 -0.86 -15.92
CA SER B 41 8.78 -1.82 -15.92
C SER B 41 9.76 -1.52 -17.05
N ALA B 42 9.25 -1.25 -18.25
CA ALA B 42 10.11 -0.94 -19.39
C ALA B 42 10.92 0.33 -19.14
N LEU B 43 10.28 1.38 -18.62
CA LEU B 43 10.99 2.66 -18.47
C LEU B 43 12.08 2.58 -17.43
N SER B 44 11.93 1.70 -16.43
CA SER B 44 12.92 1.58 -15.38
C SER B 44 14.13 0.76 -15.81
N SER B 45 14.09 0.14 -16.97
CA SER B 45 15.12 -0.80 -17.38
C SER B 45 15.86 -0.27 -18.59
N ALA B 46 17.01 -0.89 -18.87
CA ALA B 46 17.70 -0.64 -20.12
C ALA B 46 16.76 -0.97 -21.27
N PRO B 47 16.79 -0.18 -22.36
CA PRO B 47 17.73 0.92 -22.59
C PRO B 47 17.21 2.27 -22.14
N TYR B 48 16.05 2.32 -21.48
CA TYR B 48 15.46 3.61 -21.13
C TYR B 48 16.09 4.19 -19.87
N ASN B 49 16.32 3.36 -18.85
CA ASN B 49 17.08 3.72 -17.66
C ASN B 49 16.53 4.97 -16.95
N CYS B 50 15.22 5.04 -16.81
CA CYS B 50 14.63 6.12 -16.02
C CYS B 50 14.50 5.73 -14.55
N LYS B 51 14.46 6.74 -13.69
CA LYS B 51 13.89 6.52 -12.37
C LYS B 51 12.38 6.65 -12.51
N VAL B 52 11.65 5.61 -12.11
CA VAL B 52 10.21 5.55 -12.30
C VAL B 52 9.54 5.57 -10.94
N THR B 53 8.58 6.45 -10.77
CA THR B 53 7.66 6.39 -9.65
C THR B 53 6.30 6.02 -10.22
N LEU B 54 5.74 4.90 -9.75
CA LEU B 54 4.47 4.38 -10.24
C LEU B 54 3.39 4.78 -9.26
N LEU B 55 2.46 5.60 -9.71
CA LEU B 55 1.35 6.04 -8.86
C LEU B 55 0.23 5.02 -8.91
N ILE B 56 -0.26 4.59 -7.73
CA ILE B 56 -1.38 3.67 -7.61
C ILE B 56 -2.52 4.38 -6.92
N VAL B 57 -3.74 4.23 -7.45
CA VAL B 57 -4.94 4.78 -6.82
C VAL B 57 -5.46 3.75 -5.82
N ILE B 58 -5.54 4.16 -4.55
CA ILE B 58 -6.05 3.28 -3.50
C ILE B 58 -7.30 3.91 -2.91
N PRO B 59 -8.20 3.11 -2.30
CA PRO B 59 -8.17 1.64 -2.28
C PRO B 59 -8.39 1.04 -3.66
N LEU B 60 -7.93 -0.18 -3.85
CA LEU B 60 -8.21 -0.87 -5.10
C LEU B 60 -9.57 -1.56 -5.03
N ILE B 61 -10.13 -1.84 -6.20
CA ILE B 61 -11.49 -2.34 -6.27
C ILE B 61 -11.55 -3.84 -6.00
N THR B 62 -10.58 -4.61 -6.49
CA THR B 62 -10.62 -6.06 -6.35
C THR B 62 -9.35 -6.57 -5.71
N ASP B 63 -9.44 -7.70 -5.03
CA ASP B 63 -8.29 -8.33 -4.43
C ASP B 63 -7.29 -8.77 -5.47
N ALA B 64 -7.76 -9.08 -6.63
CA ALA B 64 -6.89 -9.46 -7.71
C ALA B 64 -5.97 -8.32 -8.07
N GLU B 65 -6.51 -7.13 -8.12
CA GLU B 65 -5.73 -5.98 -8.41
C GLU B 65 -4.68 -5.83 -7.38
N SER B 66 -5.09 -5.99 -6.14
CA SER B 66 -4.24 -5.77 -5.03
C SER B 66 -3.10 -6.74 -5.10
N HIS B 67 -3.40 -7.98 -5.40
CA HIS B 67 -2.39 -8.98 -5.42
C HIS B 67 -1.39 -8.69 -6.52
N HIS B 68 -1.92 -8.35 -7.66
CA HIS B 68 -1.12 -8.09 -8.81
C HIS B 68 -0.17 -6.91 -8.56
N ILE B 69 -0.67 -5.84 -7.97
CA ILE B 69 0.16 -4.69 -7.70
C ILE B 69 1.24 -5.01 -6.71
N SER B 70 0.89 -5.75 -5.69
CA SER B 70 1.84 -6.05 -4.66
C SER B 70 2.95 -6.88 -5.23
N SER B 71 2.59 -7.81 -6.06
CA SER B 71 3.54 -8.66 -6.67
C SER B 71 4.45 -7.91 -7.60
N PHE B 72 3.91 -6.99 -8.34
CA PHE B 72 4.70 -6.17 -9.25
C PHE B 72 5.81 -5.43 -8.51
N PHE B 73 5.46 -4.71 -7.45
CA PHE B 73 6.50 -3.95 -6.74
C PHE B 73 7.52 -4.89 -6.12
N SER B 74 7.08 -6.09 -5.72
CA SER B 74 8.01 -7.06 -5.17
C SER B 74 9.06 -7.49 -6.19
N SER B 75 8.69 -7.54 -7.46
CA SER B 75 9.60 -8.00 -8.51
C SER B 75 10.29 -6.87 -9.25
N HIS B 76 9.97 -5.62 -8.94
CA HIS B 76 10.67 -4.46 -9.49
C HIS B 76 11.07 -3.55 -8.34
N PRO B 77 12.04 -3.98 -7.52
CA PRO B 77 12.40 -3.21 -6.33
C PRO B 77 12.92 -1.82 -6.64
N THR B 78 13.33 -1.57 -7.87
CA THR B 78 13.89 -0.27 -8.25
C THR B 78 12.80 0.75 -8.54
N ILE B 79 11.55 0.32 -8.65
CA ILE B 79 10.44 1.21 -8.99
C ILE B 79 9.77 1.67 -7.69
N HIS B 80 9.53 2.97 -7.61
CA HIS B 80 9.00 3.56 -6.39
C HIS B 80 7.49 3.58 -6.45
N ARG B 81 6.86 3.30 -5.33
CA ARG B 81 5.41 3.26 -5.23
C ARG B 81 4.92 4.57 -4.64
N LEU B 82 3.94 5.18 -5.30
CA LEU B 82 3.27 6.36 -4.76
C LEU B 82 1.79 6.02 -4.65
N ASP B 83 1.28 5.93 -3.43
CA ASP B 83 -0.15 5.65 -3.22
C ASP B 83 -0.92 6.96 -3.25
N PHE B 84 -1.91 7.04 -4.12
CA PHE B 84 -2.78 8.21 -4.24
C PHE B 84 -4.17 7.82 -3.76
N HIS B 85 -4.53 8.28 -2.57
CA HIS B 85 -5.78 7.84 -1.96
C HIS B 85 -6.96 8.65 -2.48
N VAL B 86 -7.96 7.95 -2.98
CA VAL B 86 -9.20 8.54 -3.47
C VAL B 86 -10.32 7.79 -2.79
N ASN B 87 -11.12 8.49 -1.99
CA ASN B 87 -12.22 7.85 -1.26
C ASN B 87 -13.11 7.07 -2.23
N LEU B 88 -13.51 5.89 -1.82
CA LEU B 88 -14.40 5.10 -2.67
C LEU B 88 -15.77 5.77 -2.71
N PRO B 89 -16.35 5.97 -3.89
CA PRO B 89 -17.72 6.49 -3.96
C PRO B 89 -18.73 5.44 -3.50
N ALA B 90 -19.82 5.90 -2.90
CA ALA B 90 -20.88 4.97 -2.51
C ALA B 90 -21.54 4.41 -3.76
N PRO B 91 -21.86 3.12 -3.78
CA PRO B 91 -22.54 2.54 -4.95
C PRO B 91 -23.95 3.10 -5.14
N LYS B 92 -24.39 3.12 -6.39
CA LYS B 92 -25.68 3.64 -6.76
C LYS B 92 -26.39 2.60 -7.62
N PRO B 93 -27.70 2.43 -7.44
CA PRO B 93 -28.41 1.45 -8.27
C PRO B 93 -28.32 1.82 -9.74
N ASN B 94 -28.11 0.80 -10.56
CA ASN B 94 -28.08 0.94 -12.03
C ASN B 94 -26.86 1.71 -12.50
N VAL B 95 -25.81 1.83 -11.69
CA VAL B 95 -24.58 2.51 -12.09
C VAL B 95 -23.42 1.55 -11.91
N ASP B 96 -22.67 1.31 -12.99
CA ASP B 96 -21.61 0.32 -12.94
C ASP B 96 -20.55 0.74 -11.92
N PRO B 97 -20.17 -0.14 -10.99
CA PRO B 97 -19.21 0.25 -9.94
C PRO B 97 -17.87 0.73 -10.48
N PHE B 98 -17.35 0.12 -11.55
CA PHE B 98 -16.08 0.58 -12.10
C PHE B 98 -16.22 1.97 -12.69
N PHE B 99 -17.36 2.26 -13.32
CA PHE B 99 -17.57 3.61 -13.84
C PHE B 99 -17.59 4.64 -12.71
N LEU B 100 -18.24 4.31 -11.59
CA LEU B 100 -18.24 5.19 -10.44
C LEU B 100 -16.83 5.43 -9.94
N ARG B 101 -16.01 4.38 -9.93
CA ARG B 101 -14.63 4.54 -9.51
C ARG B 101 -13.86 5.42 -10.48
N TYR B 102 -14.02 5.19 -11.80
CA TYR B 102 -13.36 6.03 -12.79
C TYR B 102 -13.73 7.50 -12.57
N LYS B 103 -15.01 7.80 -12.33
CA LYS B 103 -15.39 9.18 -12.11
C LYS B 103 -14.68 9.77 -10.90
N SER B 104 -14.62 9.00 -9.80
CA SER B 104 -13.97 9.49 -8.59
C SER B 104 -12.50 9.78 -8.85
N ILE B 105 -11.86 8.97 -9.69
CA ILE B 105 -10.47 9.23 -10.03
C ILE B 105 -10.36 10.50 -10.84
N SER B 106 -11.19 10.63 -11.88
CA SER B 106 -11.17 11.85 -12.68
C SER B 106 -11.44 13.10 -11.84
N ASP B 107 -12.36 12.99 -10.87
CA ASP B 107 -12.69 14.14 -10.02
C ASP B 107 -11.59 14.50 -9.03
N SER B 108 -10.71 13.57 -8.71
CA SER B 108 -9.60 13.78 -7.79
C SER B 108 -8.31 14.22 -8.47
N ALA B 109 -8.23 14.12 -9.80
CA ALA B 109 -6.96 14.30 -10.48
C ALA B 109 -6.35 15.67 -10.21
N HIS B 110 -7.19 16.71 -10.05
CA HIS B 110 -6.67 18.05 -9.80
C HIS B 110 -5.84 18.14 -8.52
N ARG B 111 -5.92 17.14 -7.64
CA ARG B 111 -5.20 17.15 -6.38
C ARG B 111 -3.78 16.64 -6.49
N LEU B 112 -3.36 16.20 -7.67
CA LEU B 112 -2.02 15.62 -7.82
C LEU B 112 -0.85 16.56 -7.52
N PRO B 113 -0.92 17.89 -7.70
CA PRO B 113 0.31 18.69 -7.48
C PRO B 113 1.00 18.46 -6.14
N VAL B 114 0.28 18.53 -5.01
CA VAL B 114 0.97 18.38 -3.73
C VAL B 114 1.65 16.99 -3.61
N HIS B 115 1.09 15.97 -4.25
CA HIS B 115 1.69 14.64 -4.15
C HIS B 115 2.94 14.50 -5.01
N LEU B 116 2.91 15.00 -6.24
CA LEU B 116 4.06 14.84 -7.11
C LEU B 116 5.19 15.80 -6.76
N SER B 117 4.88 16.91 -6.07
CA SER B 117 5.89 17.92 -5.80
C SER B 117 6.97 17.44 -4.85
N ALA B 118 6.63 16.56 -3.92
CA ALA B 118 7.61 16.06 -2.96
C ALA B 118 8.52 14.97 -3.54
N LEU B 119 8.32 14.55 -4.79
CA LEU B 119 9.17 13.51 -5.35
C LEU B 119 10.56 14.06 -5.66
N SER B 120 11.58 13.24 -5.46
CA SER B 120 12.94 13.66 -5.77
C SER B 120 13.66 12.58 -6.57
N PRO B 121 14.48 12.96 -7.57
CA PRO B 121 14.71 14.34 -8.01
C PRO B 121 13.47 14.88 -8.72
N PRO B 122 13.41 16.18 -9.00
CA PRO B 122 12.22 16.75 -9.63
C PRO B 122 11.86 16.03 -10.93
N ILE B 123 10.59 15.71 -11.10
CA ILE B 123 10.17 14.84 -12.20
C ILE B 123 10.18 15.56 -13.53
N SER B 124 10.49 14.82 -14.58
CA SER B 124 10.58 15.36 -15.94
C SER B 124 9.31 15.19 -16.74
N ALA B 125 8.47 14.21 -16.39
CA ALA B 125 7.27 13.96 -17.17
C ALA B 125 6.39 12.98 -16.43
N VAL B 126 5.12 12.95 -16.83
CA VAL B 126 4.14 12.00 -16.29
C VAL B 126 3.50 11.29 -17.48
N PHE B 127 3.28 9.98 -17.32
CA PHE B 127 2.60 9.12 -18.29
C PHE B 127 1.32 8.67 -17.62
N SER B 128 0.18 9.18 -18.09
CA SER B 128 -1.02 9.14 -17.27
C SER B 128 -2.19 8.45 -17.96
N ASP B 129 -3.02 7.80 -17.14
CA ASP B 129 -4.33 7.35 -17.61
C ASP B 129 -5.15 8.54 -18.09
N PHE B 130 -6.02 8.32 -19.08
CA PHE B 130 -6.79 9.45 -19.58
C PHE B 130 -7.77 10.03 -18.56
N LEU B 131 -8.09 9.31 -17.47
CA LEU B 131 -8.93 9.92 -16.44
C LEU B 131 -8.26 11.08 -15.72
N PHE B 132 -6.94 11.20 -15.78
CA PHE B 132 -6.19 12.27 -15.12
C PHE B 132 -6.00 13.50 -16.01
N THR B 133 -6.51 13.46 -17.25
CA THR B 133 -6.15 14.47 -18.23
C THR B 133 -6.51 15.88 -17.79
N GLN B 134 -7.78 16.11 -17.43
CA GLN B 134 -8.15 17.48 -17.06
C GLN B 134 -7.38 17.93 -15.83
N GLY B 135 -7.36 17.10 -14.78
CA GLY B 135 -6.65 17.48 -13.58
C GLY B 135 -5.19 17.82 -13.84
N LEU B 136 -4.47 16.93 -14.55
CA LEU B 136 -3.05 17.18 -14.80
C LEU B 136 -2.84 18.38 -15.72
N ASN B 137 -3.61 18.49 -16.80
CA ASN B 137 -3.25 19.57 -17.70
C ASN B 137 -3.79 20.92 -17.26
N THR B 138 -4.64 21.00 -16.23
CA THR B 138 -5.02 22.31 -15.68
C THR B 138 -4.18 22.70 -14.47
N THR B 139 -3.87 21.76 -13.57
CA THR B 139 -3.15 22.14 -12.35
C THR B 139 -1.65 21.95 -12.46
N LEU B 140 -1.16 21.18 -13.44
CA LEU B 140 0.27 21.06 -13.68
C LEU B 140 0.56 21.30 -15.16
N PRO B 141 0.26 22.51 -15.64
CA PRO B 141 0.39 22.75 -17.08
C PRO B 141 1.83 22.76 -17.58
N HIS B 142 2.82 22.91 -16.71
CA HIS B 142 4.21 22.98 -17.12
C HIS B 142 4.92 21.64 -17.02
N LEU B 143 4.24 20.60 -16.55
CA LEU B 143 4.82 19.28 -16.49
C LEU B 143 4.40 18.50 -17.72
N PRO B 144 5.35 18.05 -18.58
CA PRO B 144 4.97 17.27 -19.76
C PRO B 144 4.14 16.04 -19.38
N ASN B 145 2.93 15.94 -19.95
CA ASN B 145 2.00 14.87 -19.66
C ASN B 145 1.72 14.10 -20.94
N TYR B 146 2.15 12.84 -20.99
CA TYR B 146 1.81 11.95 -22.08
C TYR B 146 0.58 11.16 -21.67
N THR B 147 -0.51 11.34 -22.39
CA THR B 147 -1.73 10.60 -22.09
C THR B 147 -1.61 9.21 -22.73
N PHE B 148 -1.63 8.17 -21.90
CA PHE B 148 -1.43 6.80 -22.35
C PHE B 148 -2.80 6.11 -22.37
N THR B 149 -3.39 5.99 -23.58
CA THR B 149 -4.65 5.28 -23.71
C THR B 149 -4.38 3.79 -23.79
N THR B 150 -5.31 3.01 -23.27
CA THR B 150 -5.14 1.57 -23.16
C THR B 150 -5.89 0.79 -24.22
N THR B 151 -6.54 1.47 -25.17
CA THR B 151 -7.31 0.80 -26.23
C THR B 151 -6.60 1.00 -27.57
N SER B 152 -7.23 0.52 -28.65
CA SER B 152 -6.62 0.66 -29.96
C SER B 152 -6.59 2.12 -30.40
N ALA B 153 -5.68 2.43 -31.32
CA ALA B 153 -5.74 3.73 -31.97
C ALA B 153 -7.11 3.94 -32.62
N ARG B 154 -7.65 2.89 -33.23
CA ARG B 154 -8.98 2.96 -33.85
C ARG B 154 -10.04 3.44 -32.86
N PHE B 155 -10.18 2.73 -31.74
CA PHE B 155 -11.22 3.14 -30.79
C PHE B 155 -10.86 4.43 -30.07
N PHE B 156 -9.56 4.72 -29.88
CA PHE B 156 -9.20 5.99 -29.27
C PHE B 156 -9.72 7.16 -30.09
N THR B 157 -9.65 7.06 -31.43
CA THR B 157 -10.13 8.16 -32.26
C THR B 157 -11.60 8.43 -31.99
N LEU B 158 -12.42 7.37 -31.85
CA LEU B 158 -13.84 7.57 -31.56
C LEU B 158 -14.03 8.22 -30.20
N MET B 159 -13.28 7.77 -29.19
CA MET B 159 -13.40 8.38 -27.88
C MET B 159 -13.04 9.85 -27.91
N SER B 160 -11.96 10.20 -28.63
CA SER B 160 -11.58 11.60 -28.72
C SER B 160 -12.61 12.43 -29.47
N TYR B 161 -13.43 11.79 -30.30
CA TYR B 161 -14.50 12.46 -31.03
C TYR B 161 -15.80 12.62 -30.24
N VAL B 162 -15.92 11.94 -29.09
CA VAL B 162 -17.20 11.97 -28.35
C VAL B 162 -17.73 13.35 -28.06
N PRO B 163 -16.91 14.36 -27.72
CA PRO B 163 -17.48 15.70 -27.48
C PRO B 163 -18.25 16.25 -28.67
N HIS B 164 -17.90 15.86 -29.87
CA HIS B 164 -18.56 16.34 -31.05
C HIS B 164 -19.74 15.58 -31.51
N LEU B 165 -20.09 14.52 -30.84
CA LEU B 165 -21.24 13.73 -31.20
C LEU B 165 -22.54 14.38 -30.86
N ALA B 166 -22.50 15.39 -30.03
CA ALA B 166 -23.67 15.87 -29.34
C ALA B 166 -24.69 16.30 -30.33
N LYS B 167 -24.23 16.99 -31.33
CA LYS B 167 -25.04 17.22 -32.46
C LYS B 167 -24.80 15.95 -33.22
N SER B 168 -25.15 14.81 -32.63
CA SER B 168 -25.16 13.63 -33.51
C SER B 168 -26.42 12.82 -33.27
N SER B 169 -26.56 11.76 -34.06
CA SER B 169 -27.71 10.86 -33.98
C SER B 169 -27.29 9.62 -33.24
N SER B 170 -28.11 9.13 -32.33
CA SER B 170 -27.81 7.80 -31.82
C SER B 170 -27.70 6.77 -32.97
N SER B 171 -28.37 7.00 -34.11
CA SER B 171 -28.46 6.01 -35.21
C SER B 171 -28.06 6.61 -36.57
N SER B 172 -26.77 6.65 -36.83
CA SER B 172 -26.22 7.03 -38.12
C SER B 172 -24.73 6.77 -38.05
N PRO B 173 -24.12 6.22 -39.10
CA PRO B 173 -22.67 6.01 -39.09
C PRO B 173 -21.96 7.31 -38.73
N VAL B 174 -21.00 7.20 -37.84
CA VAL B 174 -20.22 8.35 -37.42
C VAL B 174 -18.98 8.41 -38.30
N GLU B 175 -18.88 9.46 -39.10
CA GLU B 175 -17.80 9.63 -40.06
C GLU B 175 -16.85 10.67 -39.51
N ILE B 176 -15.82 10.20 -38.82
CA ILE B 176 -14.70 11.09 -38.49
C ILE B 176 -13.89 11.32 -39.75
N PRO B 177 -13.65 12.56 -40.15
CA PRO B 177 -12.98 12.82 -41.44
C PRO B 177 -11.62 12.13 -41.51
N GLY B 178 -11.40 11.43 -42.63
CA GLY B 178 -10.12 10.81 -42.94
C GLY B 178 -9.99 9.34 -42.62
N LEU B 179 -10.94 8.73 -41.90
CA LEU B 179 -10.89 7.28 -41.74
C LEU B 179 -12.29 6.69 -41.91
N GLU B 180 -12.30 5.37 -42.09
CA GLU B 180 -13.53 4.61 -42.28
C GLU B 180 -14.55 4.92 -41.20
N PRO B 181 -15.83 5.05 -41.55
CA PRO B 181 -16.84 5.40 -40.55
C PRO B 181 -17.02 4.31 -39.50
N PHE B 182 -17.48 4.73 -38.34
CA PHE B 182 -17.79 3.83 -37.25
C PHE B 182 -19.27 3.48 -37.32
N PRO B 183 -19.64 2.24 -37.62
CA PRO B 183 -21.07 1.90 -37.66
C PRO B 183 -21.69 1.99 -36.27
N THR B 184 -22.99 2.26 -36.26
CA THR B 184 -23.73 2.42 -35.01
C THR B 184 -23.54 1.24 -34.07
N ASP B 185 -23.57 0.03 -34.63
CA ASP B 185 -23.48 -1.18 -33.81
C ASP B 185 -22.16 -1.30 -33.06
N ASN B 186 -21.13 -0.55 -33.46
CA ASN B 186 -19.85 -0.59 -32.74
C ASN B 186 -19.66 0.58 -31.77
N ILE B 187 -20.61 1.50 -31.66
CA ILE B 187 -20.47 2.65 -30.78
C ILE B 187 -21.30 2.37 -29.52
N PRO B 188 -20.70 2.42 -28.33
CA PRO B 188 -21.49 2.29 -27.10
C PRO B 188 -22.60 3.32 -27.04
N PRO B 189 -23.85 2.88 -26.88
CA PRO B 189 -24.99 3.81 -26.90
C PRO B 189 -24.82 4.98 -25.93
N PRO B 190 -24.22 4.79 -24.74
CA PRO B 190 -24.04 5.97 -23.86
C PRO B 190 -23.29 7.13 -24.52
N PHE B 191 -22.39 6.87 -25.47
CA PHE B 191 -21.61 7.95 -26.09
C PHE B 191 -22.49 9.05 -26.66
N PHE B 192 -23.74 8.74 -26.99
CA PHE B 192 -24.66 9.72 -27.52
C PHE B 192 -25.40 10.48 -26.43
N ASN B 193 -25.15 10.16 -25.16
CA ASN B 193 -25.80 10.85 -24.04
C ASN B 193 -24.73 11.55 -23.23
N PRO B 194 -24.57 12.87 -23.34
CA PRO B 194 -23.48 13.55 -22.65
C PRO B 194 -23.60 13.47 -21.14
N GLU B 195 -24.76 13.11 -20.61
CA GLU B 195 -24.99 13.10 -19.18
C GLU B 195 -24.79 11.72 -18.55
N HIS B 196 -24.54 10.70 -19.36
CA HIS B 196 -24.17 9.39 -18.84
C HIS B 196 -22.83 9.47 -18.10
N ILE B 197 -22.71 8.67 -17.03
CA ILE B 197 -21.53 8.68 -16.18
C ILE B 197 -20.26 8.55 -17.01
N PHE B 198 -20.22 7.56 -17.91
CA PHE B 198 -19.00 7.32 -18.66
C PHE B 198 -18.75 8.42 -19.67
N THR B 199 -19.77 8.79 -20.45
CA THR B 199 -19.62 9.85 -21.43
C THR B 199 -19.17 11.15 -20.78
N SER B 200 -19.63 11.41 -19.56
CA SER B 200 -19.36 12.69 -18.91
C SER B 200 -17.86 12.89 -18.66
N PHE B 201 -17.21 11.92 -18.01
CA PHE B 201 -15.78 12.09 -17.79
C PHE B 201 -14.94 11.80 -19.03
N THR B 202 -15.50 11.09 -20.02
CA THR B 202 -14.81 11.01 -21.30
C THR B 202 -14.74 12.38 -21.95
N ILE B 203 -15.86 13.11 -21.96
CA ILE B 203 -15.87 14.43 -22.57
C ILE B 203 -14.97 15.40 -21.80
N SER B 204 -15.14 15.47 -20.48
CA SER B 204 -14.37 16.44 -19.70
C SER B 204 -12.88 16.20 -19.84
N ASN B 205 -12.45 14.94 -19.92
CA ASN B 205 -11.02 14.69 -20.04
C ASN B 205 -10.52 14.84 -21.47
N ALA B 206 -11.31 14.40 -22.45
CA ALA B 206 -10.86 14.51 -23.84
C ALA B 206 -10.71 15.96 -24.26
N LYS B 207 -11.50 16.86 -23.66
CA LYS B 207 -11.42 18.27 -23.98
C LYS B 207 -10.06 18.87 -23.64
N TYR B 208 -9.23 18.17 -22.86
CA TYR B 208 -7.92 18.67 -22.50
C TYR B 208 -6.78 17.90 -23.16
N PHE B 209 -7.10 16.96 -24.07
CA PHE B 209 -6.06 16.21 -24.79
C PHE B 209 -5.10 17.16 -25.50
N SER B 210 -5.59 18.30 -25.99
CA SER B 210 -4.77 19.19 -26.78
C SER B 210 -3.60 19.76 -25.97
N LEU B 211 -3.66 19.69 -24.64
CA LEU B 211 -2.55 20.17 -23.82
C LEU B 211 -1.63 19.04 -23.35
N SER B 212 -1.95 17.78 -23.66
CA SER B 212 -0.99 16.73 -23.39
C SER B 212 0.18 16.85 -24.38
N LYS B 213 1.36 16.41 -23.95
CA LYS B 213 2.51 16.45 -24.85
C LYS B 213 2.33 15.44 -26.00
N GLY B 214 1.60 14.36 -25.74
CA GLY B 214 1.33 13.35 -26.76
C GLY B 214 0.32 12.36 -26.24
N ILE B 215 -0.27 11.63 -27.17
CA ILE B 215 -1.10 10.47 -26.84
C ILE B 215 -0.27 9.24 -27.14
N LEU B 216 0.01 8.42 -26.14
CA LEU B 216 0.69 7.15 -26.37
C LEU B 216 -0.35 6.05 -26.50
N VAL B 217 -0.11 5.12 -27.44
CA VAL B 217 -1.01 4.00 -27.70
C VAL B 217 -0.22 2.69 -27.67
N ASN B 218 -0.79 1.67 -27.02
CA ASN B 218 -0.15 0.35 -26.98
C ASN B 218 -0.48 -0.37 -28.28
N THR B 219 0.14 0.12 -29.35
CA THR B 219 -0.03 -0.43 -30.69
C THR B 219 1.29 -0.22 -31.44
N PHE B 220 1.33 -0.64 -32.70
CA PHE B 220 2.53 -0.43 -33.50
C PHE B 220 2.15 -0.03 -34.91
N ASP B 221 3.08 0.67 -35.58
CA ASP B 221 2.78 1.34 -36.83
C ASP B 221 2.20 0.39 -37.87
N SER B 222 2.83 -0.77 -38.07
CA SER B 222 2.31 -1.64 -39.13
C SER B 222 1.00 -2.33 -38.75
N PHE B 223 0.55 -2.20 -37.50
CA PHE B 223 -0.71 -2.81 -37.08
C PHE B 223 -1.91 -1.93 -37.40
N GLU B 224 -1.77 -0.61 -37.24
CA GLU B 224 -2.85 0.34 -37.51
C GLU B 224 -2.35 1.49 -38.38
N PRO B 225 -1.84 1.19 -39.58
CA PRO B 225 -1.18 2.27 -40.35
C PRO B 225 -2.13 3.34 -40.85
N GLU B 226 -3.33 2.95 -41.28
CA GLU B 226 -4.29 3.93 -41.82
C GLU B 226 -4.81 4.85 -40.72
N THR B 227 -5.07 4.31 -39.53
CA THR B 227 -5.55 5.14 -38.44
C THR B 227 -4.46 6.11 -37.98
N LEU B 228 -3.25 5.60 -37.74
CA LEU B 228 -2.16 6.45 -37.26
C LEU B 228 -1.80 7.53 -38.28
N SER B 229 -1.82 7.19 -39.54
CA SER B 229 -1.55 8.14 -40.55
C SER B 229 -2.54 9.27 -40.53
N ALA B 230 -3.81 8.97 -40.45
CA ALA B 230 -4.82 9.97 -40.36
C ALA B 230 -4.72 10.79 -39.12
N LEU B 231 -4.44 10.19 -37.99
CA LEU B 231 -4.41 10.89 -36.75
C LEU B 231 -3.35 11.91 -36.75
N ASN B 232 -2.25 11.60 -37.38
CA ASN B 232 -1.14 12.44 -37.34
C ASN B 232 -1.00 13.40 -38.51
N SER B 233 -2.00 13.47 -39.35
CA SER B 233 -2.00 14.38 -40.47
C SER B 233 -3.01 15.47 -40.25
N GLY B 234 -4.26 15.22 -40.62
CA GLY B 234 -5.36 16.17 -40.51
C GLY B 234 -6.58 15.46 -39.99
N THR B 236 -6.32 14.83 -39.52
CA THR B 236 -7.47 14.17 -39.02
C THR B 236 -7.44 14.51 -37.53
N LEU B 237 -8.54 14.95 -36.93
CA LEU B 237 -8.53 15.36 -35.52
C LEU B 237 -7.52 16.43 -35.14
N SER B 238 -7.63 17.59 -35.79
CA SER B 238 -6.76 18.76 -35.65
C SER B 238 -6.06 19.06 -34.35
N ASP B 239 -6.79 19.16 -33.26
CA ASP B 239 -6.17 19.59 -32.03
C ASP B 239 -5.57 18.54 -31.16
N LEU B 240 -5.52 17.32 -31.61
CA LEU B 240 -4.81 16.30 -30.87
C LEU B 240 -3.32 16.59 -30.93
N PRO B 241 -2.57 16.31 -29.86
CA PRO B 241 -1.13 16.28 -29.97
C PRO B 241 -0.71 15.06 -30.77
N PRO B 242 0.58 14.86 -31.04
CA PRO B 242 0.98 13.65 -31.81
C PRO B 242 0.52 12.36 -31.14
N VAL B 243 0.03 11.43 -31.94
CA VAL B 243 -0.42 10.13 -31.43
C VAL B 243 0.67 9.12 -31.74
N ILE B 244 1.25 8.55 -30.68
CA ILE B 244 2.54 7.87 -30.78
C ILE B 244 2.41 6.41 -30.39
N PRO B 245 2.64 5.48 -31.33
CA PRO B 245 2.60 4.06 -30.97
C PRO B 245 3.84 3.66 -30.19
N ILE B 246 3.63 3.00 -29.09
CA ILE B 246 4.69 2.52 -28.27
C ILE B 246 4.66 1.04 -27.90
N GLY B 247 3.87 0.28 -28.57
CA GLY B 247 3.63 -1.08 -28.23
C GLY B 247 4.14 -2.03 -29.27
N PRO B 248 4.13 -3.43 -29.07
CA PRO B 248 3.64 -3.89 -27.77
C PRO B 248 4.60 -3.74 -26.62
N LEU B 249 4.12 -3.57 -25.41
CA LEU B 249 5.03 -3.33 -24.35
C LEU B 249 5.53 -4.64 -23.84
N ASN B 250 6.86 -4.76 -23.66
CA ASN B 250 7.43 -6.05 -23.29
C ASN B 250 6.78 -6.49 -22.01
N GLU B 251 6.46 -7.76 -21.93
CA GLU B 251 5.68 -8.28 -20.83
C GLU B 251 6.52 -8.51 -19.61
N LEU B 252 5.82 -8.69 -18.52
CA LEU B 252 6.44 -8.79 -17.23
C LEU B 252 6.67 -10.20 -16.80
N GLU B 253 7.84 -10.48 -16.29
CA GLU B 253 8.14 -11.80 -15.79
C GLU B 253 7.70 -11.90 -14.34
N HIS B 254 6.57 -12.54 -14.19
CA HIS B 254 5.85 -12.80 -12.95
C HIS B 254 6.66 -13.75 -12.09
N ASN B 255 6.55 -13.56 -10.77
CA ASN B 255 7.38 -14.27 -9.80
C ASN B 255 7.33 -15.78 -10.03
N LYS B 256 6.15 -16.34 -10.22
CA LYS B 256 6.01 -17.77 -10.40
C LYS B 256 5.94 -18.11 -11.89
N GLN B 257 6.04 -19.41 -12.15
CA GLN B 257 5.79 -19.93 -13.48
C GLN B 257 4.39 -20.51 -13.52
N GLU B 258 3.83 -20.51 -14.71
CA GLU B 258 2.45 -20.92 -14.88
C GLU B 258 2.34 -22.42 -14.60
N GLU B 259 1.34 -22.80 -13.81
CA GLU B 259 1.20 -24.19 -13.36
C GLU B 259 0.92 -25.14 -14.52
N LEU B 260 0.36 -24.66 -15.63
CA LEU B 260 0.05 -25.49 -16.78
C LEU B 260 1.21 -25.64 -17.76
N LEU B 261 2.38 -25.08 -17.47
CA LEU B 261 3.47 -25.18 -18.44
C LEU B 261 3.96 -26.61 -18.65
N PRO B 262 4.11 -27.44 -17.61
CA PRO B 262 4.52 -28.84 -17.87
C PRO B 262 3.54 -29.62 -18.73
N TRP B 263 2.24 -29.37 -18.60
CA TRP B 263 1.26 -30.01 -19.48
C TRP B 263 1.37 -29.46 -20.90
N LEU B 264 1.47 -28.14 -21.04
CA LEU B 264 1.65 -27.57 -22.37
C LEU B 264 2.88 -28.13 -23.05
N ASP B 265 3.97 -28.35 -22.28
CA ASP B 265 5.21 -28.85 -22.86
C ASP B 265 5.02 -30.21 -23.51
N GLN B 266 3.97 -30.95 -23.12
CA GLN B 266 3.72 -32.28 -23.64
C GLN B 266 2.77 -32.26 -24.84
N GLN B 267 2.28 -31.10 -25.24
CA GLN B 267 1.33 -31.06 -26.33
C GLN B 267 2.03 -30.74 -27.64
N PRO B 268 1.51 -31.22 -28.76
CA PRO B 268 2.09 -30.87 -30.05
C PRO B 268 1.99 -29.37 -30.32
N GLU B 269 2.91 -28.89 -31.15
CA GLU B 269 2.97 -27.47 -31.43
C GLU B 269 1.65 -26.99 -32.04
N LYS B 270 1.15 -25.85 -31.54
CA LYS B 270 -0.06 -25.20 -32.05
C LYS B 270 -1.30 -26.10 -31.99
N SER B 271 -1.38 -27.00 -31.02
CA SER B 271 -2.52 -27.91 -30.94
C SER B 271 -3.54 -27.48 -29.90
N VAL B 272 -3.25 -26.48 -29.10
CA VAL B 272 -4.07 -26.14 -27.94
C VAL B 272 -4.73 -24.80 -28.19
N LEU B 273 -6.05 -24.75 -27.99
CA LEU B 273 -6.83 -23.52 -28.05
C LEU B 273 -6.91 -22.89 -26.67
N TYR B 274 -6.53 -21.61 -26.57
CA TYR B 274 -6.65 -20.84 -25.32
C TYR B 274 -7.93 -20.03 -25.36
N VAL B 275 -8.72 -20.12 -24.29
CA VAL B 275 -10.04 -19.49 -24.21
C VAL B 275 -10.05 -18.61 -22.98
N SER B 276 -10.23 -17.30 -23.17
CA SER B 276 -10.31 -16.39 -22.03
C SER B 276 -11.09 -15.15 -22.45
N PHE B 277 -12.10 -14.80 -21.66
CA PHE B 277 -12.92 -13.64 -21.98
C PHE B 277 -12.68 -12.42 -21.08
N GLY B 278 -11.64 -12.45 -20.23
CA GLY B 278 -11.35 -11.34 -19.35
C GLY B 278 -12.17 -11.37 -18.08
N ASN B 279 -11.70 -10.64 -17.06
CA ASN B 279 -12.45 -10.55 -15.81
C ASN B 279 -13.79 -9.84 -15.96
N ARG B 280 -13.88 -8.85 -16.85
CA ARG B 280 -15.10 -8.08 -17.03
C ARG B 280 -16.22 -8.87 -17.72
N THR B 281 -15.94 -10.06 -18.23
CA THR B 281 -16.90 -10.76 -19.09
C THR B 281 -18.20 -11.03 -18.35
N ALA B 282 -19.30 -10.93 -19.07
CA ALA B 282 -20.62 -11.18 -18.51
C ALA B 282 -21.30 -12.23 -19.37
N MET B 283 -20.92 -13.48 -19.14
CA MET B 283 -21.55 -14.59 -19.83
C MET B 283 -22.38 -15.37 -18.82
N SER B 284 -23.63 -15.61 -19.17
CA SER B 284 -24.58 -16.34 -18.35
C SER B 284 -24.15 -17.79 -18.23
N SER B 285 -24.72 -18.47 -17.24
CA SER B 285 -24.48 -19.89 -17.07
C SER B 285 -24.87 -20.66 -18.32
N ASP B 286 -25.94 -20.23 -18.98
CA ASP B 286 -26.38 -20.91 -20.19
C ASP B 286 -25.35 -20.76 -21.30
N GLN B 287 -24.72 -19.59 -21.40
CA GLN B 287 -23.71 -19.37 -22.42
C GLN B 287 -22.47 -20.21 -22.14
N ILE B 288 -22.05 -20.30 -20.89
CA ILE B 288 -20.89 -21.15 -20.58
C ILE B 288 -21.19 -22.60 -20.95
N LEU B 289 -22.42 -23.05 -20.69
CA LEU B 289 -22.72 -24.45 -20.95
C LEU B 289 -22.72 -24.74 -22.45
N GLU B 290 -23.27 -23.85 -23.27
CA GLU B 290 -23.20 -24.05 -24.72
C GLU B 290 -21.77 -24.02 -25.22
N LEU B 291 -20.95 -23.11 -24.67
CA LEU B 291 -19.53 -23.08 -25.01
C LEU B 291 -18.86 -24.39 -24.66
N GLY B 292 -19.12 -24.90 -23.45
CA GLY B 292 -18.61 -26.23 -23.10
C GLY B 292 -19.09 -27.32 -24.04
N MET B 293 -20.38 -27.30 -24.41
CA MET B 293 -20.85 -28.30 -25.35
C MET B 293 -20.15 -28.18 -26.69
N GLY B 294 -19.87 -26.95 -27.11
CA GLY B 294 -19.17 -26.77 -28.38
C GLY B 294 -17.74 -27.28 -28.32
N LEU B 295 -17.02 -26.93 -27.26
CA LEU B 295 -15.64 -27.38 -27.11
C LEU B 295 -15.53 -28.88 -27.05
N GLU B 296 -16.48 -29.54 -26.38
CA GLU B 296 -16.44 -30.99 -26.26
C GLU B 296 -16.51 -31.66 -27.62
N ARG B 297 -17.20 -31.03 -28.57
CA ARG B 297 -17.30 -31.54 -29.93
C ARG B 297 -16.12 -31.17 -30.83
N SER B 298 -15.15 -30.38 -30.37
CA SER B 298 -13.98 -30.04 -31.17
C SER B 298 -12.89 -31.10 -31.06
N ASP B 299 -11.90 -30.98 -31.95
CA ASP B 299 -10.81 -31.95 -32.01
C ASP B 299 -9.59 -31.53 -31.22
N CYS B 300 -9.38 -30.24 -31.05
CA CYS B 300 -8.20 -29.75 -30.34
C CYS B 300 -8.41 -29.78 -28.83
N ARG B 301 -7.29 -29.81 -28.12
CA ARG B 301 -7.26 -29.61 -26.69
C ARG B 301 -7.38 -28.10 -26.38
N PHE B 302 -7.62 -27.77 -25.12
CA PHE B 302 -7.87 -26.37 -24.80
C PHE B 302 -7.41 -26.05 -23.38
N ILE B 303 -7.22 -24.76 -23.15
CA ILE B 303 -7.12 -24.19 -21.82
C ILE B 303 -8.19 -23.11 -21.75
N TRP B 304 -9.11 -23.25 -20.79
CA TRP B 304 -10.31 -22.42 -20.71
C TRP B 304 -10.35 -21.79 -19.34
N VAL B 305 -10.25 -20.46 -19.29
CA VAL B 305 -10.35 -19.70 -18.03
C VAL B 305 -11.84 -19.53 -17.72
N VAL B 306 -12.30 -20.20 -16.67
CA VAL B 306 -13.71 -20.24 -16.30
C VAL B 306 -13.84 -19.81 -14.85
N LYS B 307 -14.79 -18.93 -14.57
CA LYS B 307 -15.15 -18.68 -13.17
C LYS B 307 -16.65 -18.41 -13.09
N LYS B 313 -7.99 -22.23 -3.43
CA LYS B 313 -9.37 -22.37 -3.84
C LYS B 313 -9.44 -22.76 -5.31
N ASP B 314 -9.50 -24.08 -5.56
CA ASP B 314 -9.64 -24.61 -6.91
C ASP B 314 -10.65 -25.74 -7.00
N ASP B 315 -11.73 -25.68 -6.22
CA ASP B 315 -12.72 -26.74 -6.28
C ASP B 315 -13.55 -26.56 -7.55
N LYS B 316 -13.69 -27.65 -8.29
CA LYS B 316 -14.41 -27.73 -9.55
C LYS B 316 -15.90 -27.97 -9.39
N SER B 317 -16.40 -28.09 -8.15
CA SER B 317 -17.78 -28.53 -7.93
C SER B 317 -18.78 -27.62 -8.63
N GLU B 318 -18.53 -26.31 -8.64
CA GLU B 318 -19.36 -25.38 -9.43
C GLU B 318 -19.41 -25.80 -10.90
N LEU B 319 -18.29 -26.23 -11.46
CA LEU B 319 -18.29 -26.65 -12.87
C LEU B 319 -19.04 -27.96 -13.08
N ARG B 320 -18.93 -28.89 -12.13
CA ARG B 320 -19.66 -30.15 -12.24
C ARG B 320 -21.16 -29.90 -12.26
N LYS B 321 -21.64 -29.03 -11.36
CA LYS B 321 -23.05 -28.64 -11.39
C LYS B 321 -23.41 -27.99 -12.72
N LEU B 322 -22.56 -27.08 -13.21
CA LEU B 322 -22.87 -26.36 -14.45
C LEU B 322 -23.01 -27.30 -15.63
N PHE B 323 -21.94 -28.05 -15.96
CA PHE B 323 -21.95 -28.93 -17.12
C PHE B 323 -22.69 -30.24 -16.87
N GLY B 324 -22.92 -30.61 -15.62
CA GLY B 324 -23.30 -31.97 -15.33
C GLY B 324 -22.10 -32.89 -15.42
N GLU B 325 -22.27 -34.10 -14.89
CA GLU B 325 -21.06 -34.88 -14.59
C GLU B 325 -20.46 -35.50 -15.84
N GLU B 326 -21.30 -35.90 -16.80
CA GLU B 326 -20.77 -36.49 -18.03
C GLU B 326 -20.03 -35.45 -18.86
N LEU B 327 -20.65 -34.29 -19.06
CA LEU B 327 -20.01 -33.25 -19.86
C LEU B 327 -18.75 -32.74 -19.19
N TYR B 328 -18.81 -32.55 -17.88
CA TYR B 328 -17.63 -32.09 -17.15
C TYR B 328 -16.44 -33.04 -17.35
N LEU B 329 -16.67 -34.35 -17.22
CA LEU B 329 -15.55 -35.28 -17.31
C LEU B 329 -14.97 -35.33 -18.72
N LYS B 330 -15.82 -35.24 -19.74
CA LYS B 330 -15.32 -35.18 -21.11
C LYS B 330 -14.48 -33.93 -21.33
N LEU B 331 -14.97 -32.79 -20.84
CA LEU B 331 -14.22 -31.54 -20.95
C LEU B 331 -12.88 -31.64 -20.22
N SER B 332 -12.89 -32.13 -18.99
CA SER B 332 -11.64 -32.19 -18.23
C SER B 332 -10.67 -33.22 -18.81
N GLU B 333 -11.15 -34.23 -19.52
CA GLU B 333 -10.26 -35.13 -20.22
C GLU B 333 -9.62 -34.45 -21.43
N LYS B 334 -10.35 -33.55 -22.08
CA LYS B 334 -9.83 -32.99 -23.31
C LYS B 334 -9.07 -31.68 -23.08
N GLY B 335 -9.39 -30.93 -22.03
CA GLY B 335 -8.75 -29.63 -21.81
C GLY B 335 -8.55 -29.28 -20.36
N LYS B 336 -8.09 -28.06 -20.09
CA LYS B 336 -7.85 -27.58 -18.74
C LYS B 336 -8.88 -26.49 -18.45
N LEU B 337 -9.64 -26.67 -17.37
CA LEU B 337 -10.62 -25.70 -16.91
C LEU B 337 -10.04 -25.05 -15.67
N VAL B 338 -9.72 -23.76 -15.74
CA VAL B 338 -8.93 -23.13 -14.69
C VAL B 338 -9.56 -21.81 -14.30
N LYS B 339 -9.24 -21.40 -13.09
CA LYS B 339 -9.58 -20.12 -12.58
C LYS B 339 -8.85 -18.95 -13.12
N TRP B 340 -7.56 -19.09 -13.27
CA TRP B 340 -6.78 -18.07 -13.87
C TRP B 340 -5.49 -18.66 -14.45
N VAL B 341 -4.81 -17.92 -15.29
CA VAL B 341 -3.54 -18.28 -15.83
C VAL B 341 -2.67 -17.05 -15.94
N ASN B 342 -1.40 -17.25 -16.14
CA ASN B 342 -0.52 -16.19 -16.53
C ASN B 342 -0.59 -16.07 -18.04
N GLN B 343 -1.34 -15.13 -18.52
CA GLN B 343 -1.77 -15.16 -19.91
C GLN B 343 -0.58 -15.04 -20.87
N THR B 344 0.42 -14.24 -20.52
CA THR B 344 1.57 -14.10 -21.41
C THR B 344 2.37 -15.41 -21.51
N GLU B 345 2.46 -16.16 -20.41
CA GLU B 345 3.14 -17.44 -20.48
C GLU B 345 2.36 -18.47 -21.29
N ILE B 346 1.03 -18.41 -21.23
CA ILE B 346 0.22 -19.29 -22.06
C ILE B 346 0.37 -18.91 -23.53
N LEU B 347 0.16 -17.65 -23.85
CA LEU B 347 0.21 -17.22 -25.24
C LEU B 347 1.60 -17.36 -25.82
N GLY B 348 2.64 -17.33 -25.00
CA GLY B 348 3.99 -17.48 -25.51
C GLY B 348 4.41 -18.91 -25.74
N HIS B 349 3.58 -19.87 -25.39
CA HIS B 349 4.04 -21.24 -25.42
C HIS B 349 3.76 -21.81 -26.80
N THR B 350 4.69 -22.60 -27.30
CA THR B 350 4.62 -23.12 -28.66
C THR B 350 3.38 -23.99 -28.89
N ALA B 351 2.84 -24.60 -27.84
CA ALA B 351 1.71 -25.51 -28.02
C ALA B 351 0.40 -24.77 -28.29
N VAL B 352 0.33 -23.47 -28.01
CA VAL B 352 -0.90 -22.71 -28.20
C VAL B 352 -1.05 -22.33 -29.67
N GLY B 353 -2.16 -22.76 -30.28
CA GLY B 353 -2.42 -22.52 -31.69
C GLY B 353 -3.46 -21.45 -32.02
N GLY B 354 -4.22 -21.00 -31.04
CA GLY B 354 -5.24 -20.02 -31.28
C GLY B 354 -5.77 -19.50 -29.97
N PHE B 355 -6.52 -18.40 -30.05
CA PHE B 355 -6.94 -17.62 -28.89
C PHE B 355 -8.37 -17.18 -29.12
N LEU B 356 -9.31 -17.78 -28.40
CA LEU B 356 -10.70 -17.33 -28.39
C LEU B 356 -10.83 -16.27 -27.29
N SER B 357 -11.23 -15.07 -27.69
CA SER B 357 -11.10 -13.89 -26.84
C SER B 357 -12.25 -12.91 -27.07
N HIS B 358 -12.53 -12.12 -26.06
CA HIS B 358 -13.35 -10.94 -26.13
C HIS B 358 -12.75 -9.79 -26.92
N CYS B 359 -11.46 -9.84 -27.15
CA CYS B 359 -10.75 -8.79 -27.88
C CYS B 359 -10.63 -7.47 -27.12
N GLY B 360 -10.56 -7.51 -25.79
CA GLY B 360 -9.95 -6.40 -25.08
C GLY B 360 -8.56 -6.15 -25.63
N TRP B 361 -8.10 -4.88 -25.56
CA TRP B 361 -6.91 -4.53 -26.33
C TRP B 361 -5.64 -5.15 -25.75
N ASN B 362 -5.56 -5.30 -24.42
CA ASN B 362 -4.41 -6.00 -23.86
C ASN B 362 -4.31 -7.41 -24.41
N SER B 363 -5.44 -8.11 -24.51
CA SER B 363 -5.42 -9.45 -25.07
C SER B 363 -4.99 -9.45 -26.52
N VAL B 364 -5.52 -8.51 -27.31
CA VAL B 364 -5.11 -8.41 -28.71
C VAL B 364 -3.60 -8.26 -28.81
N MET B 365 -3.03 -7.31 -28.07
CA MET B 365 -1.61 -6.99 -28.23
C MET B 365 -0.72 -8.09 -27.68
N GLU B 366 -1.17 -8.79 -26.64
CA GLU B 366 -0.40 -9.94 -26.18
C GLU B 366 -0.44 -11.07 -27.21
N ALA B 367 -1.58 -11.24 -27.90
CA ALA B 367 -1.64 -12.24 -28.97
C ALA B 367 -0.83 -11.79 -30.18
N ALA B 368 -0.88 -10.49 -30.51
CA ALA B 368 -0.11 -9.96 -31.64
C ALA B 368 1.38 -10.21 -31.47
N ARG B 369 1.91 -9.92 -30.27
CA ARG B 369 3.33 -10.11 -30.00
C ARG B 369 3.77 -11.56 -30.25
N ARG B 370 2.88 -12.53 -30.04
CA ARG B 370 3.20 -13.94 -30.21
C ARG B 370 2.66 -14.54 -31.51
N GLY B 371 2.01 -13.74 -32.36
CA GLY B 371 1.47 -14.26 -33.61
C GLY B 371 0.39 -15.32 -33.46
N VAL B 372 -0.43 -15.22 -32.43
CA VAL B 372 -1.45 -16.24 -32.14
C VAL B 372 -2.76 -15.83 -32.80
N PRO B 373 -3.30 -16.63 -33.71
CA PRO B 373 -4.57 -16.26 -34.36
C PRO B 373 -5.70 -16.16 -33.35
N ILE B 374 -6.55 -15.16 -33.55
CA ILE B 374 -7.62 -14.80 -32.62
C ILE B 374 -8.95 -15.19 -33.24
N LEU B 375 -9.80 -15.85 -32.46
CA LEU B 375 -11.21 -15.94 -32.78
C LEU B 375 -11.86 -14.93 -31.86
N ALA B 376 -12.45 -13.89 -32.42
CA ALA B 376 -12.92 -12.74 -31.65
C ALA B 376 -14.43 -12.84 -31.43
N TRP B 377 -14.84 -12.91 -30.15
CA TRP B 377 -16.25 -12.81 -29.77
C TRP B 377 -16.41 -11.56 -28.91
N PRO B 378 -16.44 -10.38 -29.51
CA PRO B 378 -16.48 -9.16 -28.71
C PRO B 378 -17.83 -9.00 -28.02
N GLN B 379 -17.80 -8.38 -26.85
CA GLN B 379 -18.97 -8.27 -26.00
C GLN B 379 -19.46 -6.84 -25.83
N HIS B 380 -18.58 -5.89 -25.59
CA HIS B 380 -19.04 -4.53 -25.34
C HIS B 380 -17.85 -3.58 -25.40
N GLY B 381 -18.16 -2.29 -25.41
CA GLY B 381 -17.11 -1.27 -25.35
C GLY B 381 -16.30 -1.22 -26.63
N ASP B 382 -14.99 -1.25 -26.47
CA ASP B 382 -14.09 -1.13 -27.61
C ASP B 382 -13.92 -2.41 -28.40
N GLN B 383 -14.57 -3.52 -27.99
CA GLN B 383 -14.16 -4.83 -28.44
C GLN B 383 -14.54 -5.09 -29.90
N ARG B 384 -15.64 -4.52 -30.38
CA ARG B 384 -16.05 -4.76 -31.75
C ARG B 384 -15.15 -4.02 -32.73
N GLU B 385 -14.75 -2.79 -32.39
CA GLU B 385 -13.76 -2.11 -33.22
C GLU B 385 -12.39 -2.77 -33.12
N ASN B 386 -12.00 -3.23 -31.92
CA ASN B 386 -10.75 -4.00 -31.79
C ASN B 386 -10.78 -5.24 -32.69
N ALA B 387 -11.92 -5.94 -32.72
CA ALA B 387 -12.05 -7.15 -33.55
C ALA B 387 -11.92 -6.81 -35.02
N TRP B 388 -12.46 -5.67 -35.44
CA TRP B 388 -12.28 -5.23 -36.81
C TRP B 388 -10.81 -4.96 -37.12
N VAL B 389 -10.08 -4.35 -36.19
CA VAL B 389 -8.65 -4.12 -36.39
C VAL B 389 -7.92 -5.45 -36.50
N VAL B 390 -8.26 -6.42 -35.64
CA VAL B 390 -7.67 -7.75 -35.68
C VAL B 390 -7.91 -8.40 -37.04
N GLU B 391 -9.13 -8.32 -37.54
CA GLU B 391 -9.47 -8.93 -38.82
C GLU B 391 -8.77 -8.23 -39.97
N LYS B 392 -8.73 -6.89 -39.96
CA LYS B 392 -8.06 -6.17 -41.04
C LYS B 392 -6.57 -6.47 -41.07
N ALA B 393 -5.95 -6.68 -39.92
CA ALA B 393 -4.52 -7.00 -39.87
C ALA B 393 -4.21 -8.45 -40.20
N GLY B 394 -5.21 -9.31 -40.34
CA GLY B 394 -4.96 -10.72 -40.57
C GLY B 394 -4.52 -11.48 -39.35
N LEU B 395 -4.75 -10.93 -38.16
CA LEU B 395 -4.45 -11.63 -36.92
C LEU B 395 -5.58 -12.57 -36.47
N GLY B 396 -6.78 -12.41 -36.99
CA GLY B 396 -7.86 -13.27 -36.54
C GLY B 396 -9.11 -13.05 -37.34
N VAL B 397 -10.19 -13.65 -36.85
CA VAL B 397 -11.49 -13.61 -37.52
C VAL B 397 -12.54 -13.24 -36.49
N TRP B 398 -13.45 -12.37 -36.87
CA TRP B 398 -14.47 -11.85 -35.97
C TRP B 398 -15.79 -12.55 -36.28
N GLU B 399 -16.31 -13.29 -35.29
CA GLU B 399 -17.62 -13.92 -35.40
C GLU B 399 -18.68 -12.92 -34.98
N ARG B 400 -19.35 -12.31 -35.95
CA ARG B 400 -20.20 -11.15 -35.66
C ARG B 400 -21.41 -11.53 -34.81
N GLU B 401 -21.99 -12.70 -35.04
CA GLU B 401 -23.18 -13.10 -34.27
C GLU B 401 -22.91 -14.36 -33.44
N TRP B 402 -21.77 -14.40 -32.77
CA TRP B 402 -21.43 -15.55 -31.93
C TRP B 402 -22.50 -15.84 -30.90
N ALA B 403 -23.10 -14.80 -30.33
CA ALA B 403 -24.07 -15.00 -29.26
C ALA B 403 -25.35 -15.66 -29.75
N SER B 404 -25.65 -15.58 -31.04
CA SER B 404 -26.86 -16.19 -31.58
C SER B 404 -26.76 -17.69 -31.81
N GLY B 405 -25.57 -18.28 -31.63
CA GLY B 405 -25.43 -19.72 -31.78
C GLY B 405 -24.05 -20.17 -31.34
N ILE B 406 -23.84 -20.26 -30.02
CA ILE B 406 -22.48 -20.40 -29.49
C ILE B 406 -21.87 -21.74 -29.90
N GLN B 407 -22.62 -22.84 -29.75
CA GLN B 407 -22.13 -24.17 -30.10
C GLN B 407 -21.72 -24.25 -31.56
N ALA B 408 -22.58 -23.79 -32.46
CA ALA B 408 -22.24 -23.82 -33.88
C ALA B 408 -21.04 -22.93 -34.16
N ALA B 409 -20.96 -21.78 -33.47
CA ALA B 409 -19.84 -20.87 -33.68
C ALA B 409 -18.52 -21.53 -33.29
N ILE B 410 -18.50 -22.24 -32.17
CA ILE B 410 -17.26 -22.85 -31.72
C ILE B 410 -16.88 -24.00 -32.63
N VAL B 411 -17.84 -24.86 -32.97
CA VAL B 411 -17.52 -26.06 -33.73
C VAL B 411 -16.95 -25.71 -35.09
N GLU B 412 -17.52 -24.71 -35.77
CA GLU B 412 -17.06 -24.41 -37.13
C GLU B 412 -15.76 -23.64 -37.12
N LYS B 413 -15.62 -22.61 -36.27
CA LYS B 413 -14.49 -21.72 -36.39
C LYS B 413 -13.26 -22.22 -35.66
N VAL B 414 -13.39 -23.14 -34.70
CA VAL B 414 -12.19 -23.59 -34.02
C VAL B 414 -11.29 -24.34 -35.00
N LYS B 415 -11.88 -25.18 -35.86
CA LYS B 415 -11.10 -25.91 -36.85
C LYS B 415 -10.42 -24.97 -37.82
N MET B 416 -11.05 -23.84 -38.12
CA MET B 416 -10.43 -22.86 -39.00
C MET B 416 -9.32 -22.11 -38.29
N ILE B 417 -9.55 -21.68 -37.05
CA ILE B 417 -8.51 -20.98 -36.30
C ILE B 417 -7.26 -21.84 -36.17
N MET B 418 -7.44 -23.12 -35.86
CA MET B 418 -6.31 -23.99 -35.55
C MET B 418 -5.73 -24.68 -36.77
N GLY B 419 -6.26 -24.44 -37.96
CA GLY B 419 -5.81 -25.23 -39.09
C GLY B 419 -5.69 -24.48 -40.39
N ASN B 420 -6.30 -23.29 -40.49
CA ASN B 420 -6.24 -22.51 -41.71
C ASN B 420 -4.82 -21.97 -41.89
N ASN B 421 -4.14 -22.44 -42.94
CA ASN B 421 -2.76 -22.05 -43.11
C ASN B 421 -2.62 -20.59 -43.52
N ASP B 422 -3.61 -20.03 -44.22
CA ASP B 422 -3.54 -18.63 -44.61
C ASP B 422 -3.59 -17.73 -43.39
N LEU B 423 -4.51 -18.01 -42.47
CA LEU B 423 -4.62 -17.23 -41.24
C LEU B 423 -3.40 -17.47 -40.34
N ARG B 424 -2.93 -18.71 -40.28
CA ARG B 424 -1.70 -19.02 -39.55
C ARG B 424 -0.53 -18.16 -40.05
N LYS B 425 -0.36 -18.07 -41.38
CA LYS B 425 0.73 -17.27 -41.94
C LYS B 425 0.53 -15.78 -41.68
N SER B 426 -0.69 -15.27 -41.88
CA SER B 426 -0.90 -13.83 -41.66
C SER B 426 -0.70 -13.48 -40.19
N ALA B 427 -1.23 -14.32 -39.28
CA ALA B 427 -1.01 -14.05 -37.86
C ALA B 427 0.46 -14.13 -37.51
N MET B 428 1.18 -15.07 -38.12
CA MET B 428 2.61 -15.19 -37.85
C MET B 428 3.37 -13.95 -38.29
N LYS B 429 2.97 -13.33 -39.40
CA LYS B 429 3.66 -12.11 -39.83
C LYS B 429 3.33 -10.94 -38.90
N VAL B 430 2.10 -10.87 -38.40
CA VAL B 430 1.80 -9.92 -37.34
C VAL B 430 2.76 -10.11 -36.17
N GLY B 431 2.95 -11.36 -35.76
CA GLY B 431 3.86 -11.64 -34.66
C GLY B 431 5.27 -11.17 -34.93
N GLU B 432 5.77 -11.40 -36.15
CA GLU B 432 7.12 -10.93 -36.49
C GLU B 432 7.23 -9.40 -36.44
N GLU B 433 6.25 -8.69 -36.99
CA GLU B 433 6.32 -7.23 -36.97
C GLU B 433 6.10 -6.68 -35.57
N ALA B 434 5.23 -7.32 -34.78
CA ALA B 434 5.01 -6.90 -33.41
C ALA B 434 6.27 -7.08 -32.57
N LYS B 435 6.95 -8.22 -32.73
CA LYS B 435 8.22 -8.43 -32.03
C LYS B 435 9.28 -7.44 -32.51
N ARG B 436 9.36 -7.25 -33.81
CA ARG B 436 10.32 -6.27 -34.31
C ARG B 436 10.03 -4.88 -33.76
N ALA B 437 8.75 -4.56 -33.57
CA ALA B 437 8.39 -3.20 -33.15
C ALA B 437 8.91 -2.88 -31.76
N CYS B 438 8.91 -3.85 -30.86
CA CYS B 438 9.33 -3.60 -29.48
C CYS B 438 10.75 -4.04 -29.22
N ASP B 439 11.41 -4.66 -30.19
CA ASP B 439 12.81 -4.96 -30.07
C ASP B 439 13.64 -3.68 -30.14
N VAL B 440 14.92 -3.79 -29.80
CA VAL B 440 15.79 -2.64 -29.96
C VAL B 440 15.84 -2.27 -31.44
N GLY B 441 15.67 -0.99 -31.73
CA GLY B 441 15.55 -0.50 -33.09
C GLY B 441 14.16 -0.56 -33.68
N GLY B 442 13.21 -1.21 -33.00
CA GLY B 442 11.86 -1.27 -33.53
C GLY B 442 11.19 0.09 -33.57
N SER B 443 10.16 0.20 -34.42
CA SER B 443 9.46 1.49 -34.55
C SER B 443 8.94 1.98 -33.21
N SER B 444 8.43 1.07 -32.39
CA SER B 444 7.86 1.49 -31.10
C SER B 444 8.96 1.79 -30.08
N ALA B 445 9.97 0.92 -29.96
CA ALA B 445 11.10 1.22 -29.09
C ALA B 445 11.78 2.52 -29.49
N THR B 446 11.86 2.79 -30.80
CA THR B 446 12.47 4.05 -31.25
C THR B 446 11.63 5.25 -30.83
N ALA B 447 10.30 5.16 -30.99
CA ALA B 447 9.44 6.26 -30.57
C ALA B 447 9.60 6.53 -29.08
N LEU B 448 9.59 5.47 -28.27
CA LEU B 448 9.66 5.67 -26.82
C LEU B 448 11.04 6.18 -26.42
N MET B 449 12.09 5.70 -27.07
CA MET B 449 13.43 6.21 -26.80
C MET B 449 13.52 7.70 -27.12
N ASN B 450 12.91 8.13 -28.23
CA ASN B 450 12.94 9.56 -28.55
C ASN B 450 12.23 10.38 -27.47
N ILE B 451 11.11 9.85 -26.94
CA ILE B 451 10.44 10.57 -25.86
C ILE B 451 11.37 10.76 -24.69
N ILE B 452 12.00 9.67 -24.23
CA ILE B 452 12.86 9.73 -23.06
C ILE B 452 14.07 10.60 -23.36
N GLY B 453 14.59 10.53 -24.58
CA GLY B 453 15.70 11.39 -24.95
C GLY B 453 15.33 12.86 -24.92
N SER B 454 14.10 13.17 -25.20
CA SER B 454 13.72 14.54 -25.16
C SER B 454 13.67 15.08 -23.75
N LEU B 455 13.70 14.25 -22.75
CA LEU B 455 13.71 14.76 -21.41
C LEU B 455 15.13 14.95 -20.93
N LYS B 456 16.03 14.12 -21.39
CA LYS B 456 17.40 14.19 -20.98
C LYS B 456 17.93 15.50 -21.45
N ARG B 457 17.56 15.81 -22.65
CA ARG B 457 17.68 17.13 -23.15
C ARG B 457 16.81 18.01 -22.27
#